data_6R6D
# 
_entry.id   6R6D 
# 
_audit_conform.dict_name       mmcif_pdbx.dic 
_audit_conform.dict_version    5.392 
_audit_conform.dict_location   http://mmcif.pdb.org/dictionaries/ascii/mmcif_pdbx.dic 
# 
loop_
_database_2.database_id 
_database_2.database_code 
_database_2.pdbx_database_accession 
_database_2.pdbx_DOI 
PDB   6R6D         pdb_00006r6d 10.2210/pdb6r6d/pdb 
WWPDB D_1292101501 ?            ?                   
# 
loop_
_pdbx_audit_revision_history.ordinal 
_pdbx_audit_revision_history.data_content_type 
_pdbx_audit_revision_history.major_revision 
_pdbx_audit_revision_history.minor_revision 
_pdbx_audit_revision_history.revision_date 
1 'Structure model' 1 0 2020-05-06 
2 'Structure model' 1 1 2020-06-03 
3 'Structure model' 1 2 2020-11-11 
4 'Structure model' 1 3 2021-05-19 
5 'Structure model' 1 4 2024-05-15 
# 
_pdbx_audit_revision_details.ordinal             1 
_pdbx_audit_revision_details.revision_ordinal    1 
_pdbx_audit_revision_details.data_content_type   'Structure model' 
_pdbx_audit_revision_details.provider            repository 
_pdbx_audit_revision_details.type                'Initial release' 
_pdbx_audit_revision_details.description         ? 
_pdbx_audit_revision_details.details             ? 
# 
loop_
_pdbx_audit_revision_group.ordinal 
_pdbx_audit_revision_group.revision_ordinal 
_pdbx_audit_revision_group.data_content_type 
_pdbx_audit_revision_group.group 
1 2 'Structure model' 'Derived calculations'   
2 3 'Structure model' 'Derived calculations'   
3 4 'Structure model' 'Database references'    
4 4 'Structure model' 'Refinement description' 
5 5 'Structure model' 'Data collection'        
6 5 'Structure model' 'Database references'    
# 
loop_
_pdbx_audit_revision_category.ordinal 
_pdbx_audit_revision_category.revision_ordinal 
_pdbx_audit_revision_category.data_content_type 
_pdbx_audit_revision_category.category 
1  2 'Structure model' pdbx_struct_assembly      
2  2 'Structure model' pdbx_struct_assembly_gen  
3  2 'Structure model' pdbx_struct_assembly_prop 
4  2 'Structure model' pdbx_struct_oper_list     
5  3 'Structure model' pdbx_struct_conn_angle    
6  3 'Structure model' struct_conn               
7  4 'Structure model' citation                  
8  4 'Structure model' citation_author           
9  4 'Structure model' pdbx_refine_tls_group     
10 5 'Structure model' chem_comp_atom            
11 5 'Structure model' chem_comp_bond            
12 5 'Structure model' database_2                
# 
loop_
_pdbx_audit_revision_item.ordinal 
_pdbx_audit_revision_item.revision_ordinal 
_pdbx_audit_revision_item.data_content_type 
_pdbx_audit_revision_item.item 
1  2 'Structure model' '_pdbx_struct_assembly.oligomeric_count'    
2  2 'Structure model' '_pdbx_struct_assembly.oligomeric_details'  
3  2 'Structure model' '_pdbx_struct_assembly_gen.oper_expression' 
4  2 'Structure model' '_pdbx_struct_assembly_prop.value'          
5  3 'Structure model' '_pdbx_struct_conn_angle.ptnr1_auth_seq_id' 
6  3 'Structure model' '_pdbx_struct_conn_angle.ptnr1_symmetry'    
7  3 'Structure model' '_pdbx_struct_conn_angle.ptnr3_auth_seq_id' 
8  3 'Structure model' '_pdbx_struct_conn_angle.ptnr3_symmetry'    
9  3 'Structure model' '_pdbx_struct_conn_angle.value'             
10 3 'Structure model' '_struct_conn.pdbx_dist_value'              
11 3 'Structure model' '_struct_conn.ptnr1_auth_comp_id'           
12 3 'Structure model' '_struct_conn.ptnr1_auth_seq_id'            
13 3 'Structure model' '_struct_conn.ptnr1_label_asym_id'          
14 3 'Structure model' '_struct_conn.ptnr1_label_atom_id'          
15 3 'Structure model' '_struct_conn.ptnr1_label_comp_id'          
16 3 'Structure model' '_struct_conn.ptnr2_auth_seq_id'            
17 3 'Structure model' '_struct_conn.ptnr2_symmetry'               
18 4 'Structure model' '_citation.country'                         
19 4 'Structure model' '_citation.journal_abbrev'                  
20 4 'Structure model' '_citation.journal_id_CSD'                  
21 4 'Structure model' '_citation.journal_id_ISSN'                 
22 4 'Structure model' '_citation.journal_volume'                  
23 4 'Structure model' '_citation.page_first'                      
24 4 'Structure model' '_citation.page_last'                       
25 4 'Structure model' '_citation.pdbx_database_id_DOI'            
26 4 'Structure model' '_citation.pdbx_database_id_PubMed'         
27 4 'Structure model' '_citation.title'                           
28 4 'Structure model' '_citation.year'                            
29 4 'Structure model' '_pdbx_refine_tls_group.beg_auth_asym_id'   
30 4 'Structure model' '_pdbx_refine_tls_group.beg_auth_seq_id'    
31 4 'Structure model' '_pdbx_refine_tls_group.end_auth_asym_id'   
32 4 'Structure model' '_pdbx_refine_tls_group.end_auth_seq_id'    
33 4 'Structure model' '_pdbx_refine_tls_group.selection_details'  
34 5 'Structure model' '_database_2.pdbx_DOI'                      
35 5 'Structure model' '_database_2.pdbx_database_accession'       
# 
_pdbx_database_status.status_code                     REL 
_pdbx_database_status.status_code_sf                  REL 
_pdbx_database_status.status_code_mr                  ? 
_pdbx_database_status.entry_id                        6R6D 
_pdbx_database_status.recvd_initial_deposition_date   2019-03-27 
_pdbx_database_status.SG_entry                        N 
_pdbx_database_status.deposit_site                    PDBE 
_pdbx_database_status.process_site                    PDBE 
_pdbx_database_status.status_code_cs                  ? 
_pdbx_database_status.methods_development_category    ? 
_pdbx_database_status.pdb_format_compatible           Y 
_pdbx_database_status.status_code_nmr_data            ? 
# 
loop_
_audit_author.name 
_audit_author.pdbx_ordinal 
_audit_author.identifier_ORCID 
'McQuaid, K.T.' 1 0000-0002-3222-5584 
'Hall, J.P.'    2 0000-0003-3716-4378 
'Cardin, C.J.'  3 0000-0002-2556-9995 
# 
_citation.abstract                  ? 
_citation.abstract_id_CAS           ? 
_citation.book_id_ISBN              ? 
_citation.book_publisher            ? 
_citation.book_publisher_city       ? 
_citation.book_title                ? 
_citation.coordinate_linkage        ? 
_citation.country                   GE 
_citation.database_id_Medline       ? 
_citation.details                   ? 
_citation.id                        primary 
_citation.journal_abbrev            Chemistry 
_citation.journal_id_ASTM           ? 
_citation.journal_id_CSD            ? 
_citation.journal_id_ISSN           0947-6539 
_citation.journal_full              ? 
_citation.journal_issue             ? 
_citation.journal_volume            24 
_citation.language                  ? 
_citation.page_first                15859 
_citation.page_last                 15867 
_citation.title                     
'X-ray Crystal Structures Show DNA Stacking Advantage of Terminal Nitrile Substitution in Ru-dppz Complexes.' 
_citation.year                      2018 
_citation.database_id_CSD           ? 
_citation.pdbx_database_id_DOI      10.1002/chem.201803021 
_citation.pdbx_database_id_PubMed   30063271 
_citation.unpublished_flag          ? 
# 
loop_
_citation_author.citation_id 
_citation_author.name 
_citation_author.ordinal 
_citation_author.identifier_ORCID 
primary 'McQuaid, K.'   1 ?                   
primary 'Hall, J.P.'    2 ?                   
primary 'Brazier, J.A.' 3 ?                   
primary 'Cardin, D.J.'  4 ?                   
primary 'Cardin, C.J.'  5 0000-0002-2556-9995 
# 
loop_
_entity.id 
_entity.type 
_entity.src_method 
_entity.pdbx_description 
_entity.formula_weight 
_entity.pdbx_number_of_molecules 
_entity.pdbx_ec 
_entity.pdbx_mutation 
_entity.pdbx_fragment 
_entity.details 
1 polymer     syn 
;DNA (5'-D(*TP*CP*GP*GP*CP*GP*CP*CP*GP*A)-3')
;
3045.992 1  ? ? ? ? 
2 non-polymer syn 'BARIUM ION'                                                               137.327  1  ? ? ? ? 
3 non-polymer syn 'Ruthenium (bis-(tetraazaphenanthrene)) (11,12-dicyano-dipyridophenazine)' 797.751  1  ? ? ? ? 
4 non-polymer syn 'SODIUM ION'                                                               22.990   1  ? ? ? ? 
5 water       nat water                                                                      18.015   18 ? ? ? ? 
# 
_entity_poly.entity_id                      1 
_entity_poly.type                           polydeoxyribonucleotide 
_entity_poly.nstd_linkage                   no 
_entity_poly.nstd_monomer                   no 
_entity_poly.pdbx_seq_one_letter_code       '(DT)(DC)(DG)(DG)(DC)(DG)(DC)(DC)(DG)(DA)' 
_entity_poly.pdbx_seq_one_letter_code_can   TCGGCGCCGA 
_entity_poly.pdbx_strand_id                 A 
_entity_poly.pdbx_target_identifier         ? 
# 
loop_
_pdbx_entity_nonpoly.entity_id 
_pdbx_entity_nonpoly.name 
_pdbx_entity_nonpoly.comp_id 
2 'BARIUM ION'                                                               BA  
3 'Ruthenium (bis-(tetraazaphenanthrene)) (11,12-dicyano-dipyridophenazine)' EQQ 
4 'SODIUM ION'                                                               NA  
5 water                                                                      HOH 
# 
loop_
_entity_poly_seq.entity_id 
_entity_poly_seq.num 
_entity_poly_seq.mon_id 
_entity_poly_seq.hetero 
1 1  DT n 
1 2  DC n 
1 3  DG n 
1 4  DG n 
1 5  DC n 
1 6  DG n 
1 7  DC n 
1 8  DC n 
1 9  DG n 
1 10 DA n 
# 
_pdbx_entity_src_syn.entity_id              1 
_pdbx_entity_src_syn.pdbx_src_id            1 
_pdbx_entity_src_syn.pdbx_alt_source_flag   sample 
_pdbx_entity_src_syn.pdbx_beg_seq_num       1 
_pdbx_entity_src_syn.pdbx_end_seq_num       10 
_pdbx_entity_src_syn.organism_scientific    'synthetic construct' 
_pdbx_entity_src_syn.organism_common_name   ? 
_pdbx_entity_src_syn.ncbi_taxonomy_id       32630 
_pdbx_entity_src_syn.details                ? 
# 
loop_
_chem_comp.id 
_chem_comp.type 
_chem_comp.mon_nstd_flag 
_chem_comp.name 
_chem_comp.pdbx_synonyms 
_chem_comp.formula 
_chem_comp.formula_weight 
BA  non-polymer   . 'BARIUM ION'                                                               ? 'Ba 2'            137.327 
DA  'DNA linking' y "2'-DEOXYADENOSINE-5'-MONOPHOSPHATE"                                       ? 'C10 H14 N5 O6 P' 331.222 
DC  'DNA linking' y "2'-DEOXYCYTIDINE-5'-MONOPHOSPHATE"                                        ? 'C9 H14 N3 O7 P'  307.197 
DG  'DNA linking' y "2'-DEOXYGUANOSINE-5'-MONOPHOSPHATE"                                       ? 'C10 H14 N5 O7 P' 347.221 
DT  'DNA linking' y "THYMIDINE-5'-MONOPHOSPHATE"                                               ? 'C10 H15 N2 O8 P' 322.208 
EQQ non-polymer   . 'Ruthenium (bis-(tetraazaphenanthrene)) (11,12-dicyano-dipyridophenazine)' ? 'C40 H20 N14 Ru'  797.751 
HOH non-polymer   . WATER                                                                      ? 'H2 O'            18.015  
NA  non-polymer   . 'SODIUM ION'                                                               ? 'Na 1'            22.990  
# 
loop_
_pdbx_poly_seq_scheme.asym_id 
_pdbx_poly_seq_scheme.entity_id 
_pdbx_poly_seq_scheme.seq_id 
_pdbx_poly_seq_scheme.mon_id 
_pdbx_poly_seq_scheme.ndb_seq_num 
_pdbx_poly_seq_scheme.pdb_seq_num 
_pdbx_poly_seq_scheme.auth_seq_num 
_pdbx_poly_seq_scheme.pdb_mon_id 
_pdbx_poly_seq_scheme.auth_mon_id 
_pdbx_poly_seq_scheme.pdb_strand_id 
_pdbx_poly_seq_scheme.pdb_ins_code 
_pdbx_poly_seq_scheme.hetero 
A 1 1  DT 1  1  1  DT DT A . n 
A 1 2  DC 2  2  2  DC DC A . n 
A 1 3  DG 3  3  3  DG DG A . n 
A 1 4  DG 4  4  4  DG DG A . n 
A 1 5  DC 5  5  5  DC DC A . n 
A 1 6  DG 6  6  6  DG DG A . n 
A 1 7  DC 7  7  7  DC DC A . n 
A 1 8  DC 8  8  8  DC DC A . n 
A 1 9  DG 9  9  9  DG DG A . n 
A 1 10 DA 10 10 10 DA DA A . n 
# 
loop_
_pdbx_nonpoly_scheme.asym_id 
_pdbx_nonpoly_scheme.entity_id 
_pdbx_nonpoly_scheme.mon_id 
_pdbx_nonpoly_scheme.ndb_seq_num 
_pdbx_nonpoly_scheme.pdb_seq_num 
_pdbx_nonpoly_scheme.auth_seq_num 
_pdbx_nonpoly_scheme.pdb_mon_id 
_pdbx_nonpoly_scheme.auth_mon_id 
_pdbx_nonpoly_scheme.pdb_strand_id 
_pdbx_nonpoly_scheme.pdb_ins_code 
B 2 BA  1  101 102 BA  BA  A . 
C 3 EQQ 1  102 1   EQQ RC2 A . 
D 4 NA  1  103 1   NA  NA  A . 
E 5 HOH 1  201 3   HOH HOH A . 
E 5 HOH 2  202 9   HOH HOH A . 
E 5 HOH 3  203 16  HOH HOH A . 
E 5 HOH 4  204 4   HOH HOH A . 
E 5 HOH 5  205 13  HOH HOH A . 
E 5 HOH 6  206 1   HOH HOH A . 
E 5 HOH 7  207 14  HOH HOH A . 
E 5 HOH 8  208 2   HOH HOH A . 
E 5 HOH 9  209 12  HOH HOH A . 
E 5 HOH 10 210 6   HOH HOH A . 
E 5 HOH 11 211 11  HOH HOH A . 
E 5 HOH 12 212 18  HOH HOH A . 
E 5 HOH 13 213 15  HOH HOH A . 
E 5 HOH 14 214 10  HOH HOH A . 
E 5 HOH 15 215 17  HOH HOH A . 
E 5 HOH 16 216 5   HOH HOH A . 
E 5 HOH 17 217 8   HOH HOH A . 
E 5 HOH 18 218 7   HOH HOH A . 
# 
loop_
_software.citation_id 
_software.classification 
_software.compiler_name 
_software.compiler_version 
_software.contact_author 
_software.contact_author_email 
_software.date 
_software.description 
_software.dependencies 
_software.hardware 
_software.language 
_software.location 
_software.mods 
_software.name 
_software.os 
_software.os_version 
_software.type 
_software.version 
_software.pdbx_ordinal 
? refinement       ? ? ? ? ? ? ? ? ? ? ? PHENIX  ? ? ? '(1.15rc2_3433: ???)' 1 
? 'data reduction' ? ? ? ? ? ? ? ? ? ? ? xia2    ? ? ? .                     2 
? 'data scaling'   ? ? ? ? ? ? ? ? ? ? ? Aimless ? ? ? .                     3 
? 'data scaling'   ? ? ? ? ? ? ? ? ? ? ? xia2    ? ? ? .                     4 
? phasing          ? ? ? ? ? ? ? ? ? ? ? PHASER  ? ? ? .                     5 
# 
_cell.angle_alpha                  90.00 
_cell.angle_alpha_esd              ? 
_cell.angle_beta                   90.00 
_cell.angle_beta_esd               ? 
_cell.angle_gamma                  90.00 
_cell.angle_gamma_esd              ? 
_cell.entry_id                     6R6D 
_cell.details                      ? 
_cell.formula_units_Z              ? 
_cell.length_a                     46.704 
_cell.length_a_esd                 ? 
_cell.length_b                     46.704 
_cell.length_b_esd                 ? 
_cell.length_c                     34.308 
_cell.length_c_esd                 ? 
_cell.volume                       ? 
_cell.volume_esd                   ? 
_cell.Z_PDB                        8 
_cell.reciprocal_angle_alpha       ? 
_cell.reciprocal_angle_beta        ? 
_cell.reciprocal_angle_gamma       ? 
_cell.reciprocal_angle_alpha_esd   ? 
_cell.reciprocal_angle_beta_esd    ? 
_cell.reciprocal_angle_gamma_esd   ? 
_cell.reciprocal_length_a          ? 
_cell.reciprocal_length_b          ? 
_cell.reciprocal_length_c          ? 
_cell.reciprocal_length_a_esd      ? 
_cell.reciprocal_length_b_esd      ? 
_cell.reciprocal_length_c_esd      ? 
_cell.pdbx_unique_axis             ? 
# 
_symmetry.entry_id                         6R6D 
_symmetry.cell_setting                     ? 
_symmetry.Int_Tables_number                96 
_symmetry.space_group_name_Hall            ? 
_symmetry.space_group_name_H-M             'P 43 21 2' 
_symmetry.pdbx_full_space_group_name_H-M   ? 
# 
_exptl.absorpt_coefficient_mu     ? 
_exptl.absorpt_correction_T_max   ? 
_exptl.absorpt_correction_T_min   ? 
_exptl.absorpt_correction_type    ? 
_exptl.absorpt_process_details    ? 
_exptl.entry_id                   6R6D 
_exptl.crystals_number            1 
_exptl.details                    ? 
_exptl.method                     'X-RAY DIFFRACTION' 
_exptl.method_details             ? 
# 
_exptl_crystal.colour                      ? 
_exptl_crystal.density_diffrn              ? 
_exptl_crystal.density_Matthews            3.07 
_exptl_crystal.density_method              ? 
_exptl_crystal.density_percent_sol         59.95 
_exptl_crystal.description                 Orthorhombic 
_exptl_crystal.F_000                       ? 
_exptl_crystal.id                          1 
_exptl_crystal.preparation                 ? 
_exptl_crystal.size_max                    ? 
_exptl_crystal.size_mid                    ? 
_exptl_crystal.size_min                    ? 
_exptl_crystal.size_rad                    ? 
_exptl_crystal.colour_lustre               ? 
_exptl_crystal.colour_modifier             ? 
_exptl_crystal.colour_primary              ? 
_exptl_crystal.density_meas                ? 
_exptl_crystal.density_meas_esd            ? 
_exptl_crystal.density_meas_gt             ? 
_exptl_crystal.density_meas_lt             ? 
_exptl_crystal.density_meas_temp           ? 
_exptl_crystal.density_meas_temp_esd       ? 
_exptl_crystal.density_meas_temp_gt        ? 
_exptl_crystal.density_meas_temp_lt        ? 
_exptl_crystal.pdbx_crystal_image_url      ? 
_exptl_crystal.pdbx_crystal_image_format   ? 
_exptl_crystal.pdbx_mosaicity              ? 
_exptl_crystal.pdbx_mosaicity_esd          ? 
# 
_exptl_crystal_grow.apparatus       ? 
_exptl_crystal_grow.atmosphere      ? 
_exptl_crystal_grow.crystal_id      1 
_exptl_crystal_grow.details         ? 
_exptl_crystal_grow.method          'VAPOR DIFFUSION, SITTING DROP' 
_exptl_crystal_grow.method_ref      ? 
_exptl_crystal_grow.pH              7 
_exptl_crystal_grow.pressure        ? 
_exptl_crystal_grow.pressure_esd    ? 
_exptl_crystal_grow.seeding         ? 
_exptl_crystal_grow.seeding_ref     ? 
_exptl_crystal_grow.temp            292 
_exptl_crystal_grow.temp_details    ? 
_exptl_crystal_grow.temp_esd        ? 
_exptl_crystal_grow.time            ? 
_exptl_crystal_grow.pdbx_details    
;1uL 1mM dsDNA, 1ul 5mM rac[Ru(TAP)2(11,12-CN2-dppz)]2+, 6ul of a solution containing 10% (v/v) 2-methyl-2,4-pentanediol, 80mM NaCl, 20mM Na-cacodylate pH 7, 20mM BaCl2 and 12mM spermine tetra-HCl equilibrated against 500uL 35% 2-methyl-2,4-pentanediol.
;
_exptl_crystal_grow.pdbx_pH_range   ? 
# 
_diffrn.ambient_environment              ? 
_diffrn.ambient_temp                     100 
_diffrn.ambient_temp_details             ? 
_diffrn.ambient_temp_esd                 ? 
_diffrn.crystal_id                       1 
_diffrn.crystal_support                  ? 
_diffrn.crystal_treatment                ? 
_diffrn.details                          ? 
_diffrn.id                               1 
_diffrn.ambient_pressure                 ? 
_diffrn.ambient_pressure_esd             ? 
_diffrn.ambient_pressure_gt              ? 
_diffrn.ambient_pressure_lt              ? 
_diffrn.ambient_temp_gt                  ? 
_diffrn.ambient_temp_lt                  ? 
_diffrn.pdbx_serial_crystal_experiment   N 
# 
_diffrn_detector.details                      ? 
_diffrn_detector.detector                     PIXEL 
_diffrn_detector.diffrn_id                    1 
_diffrn_detector.type                         'DECTRIS PILATUS3 S 6M' 
_diffrn_detector.area_resol_mean              ? 
_diffrn_detector.dtime                        ? 
_diffrn_detector.pdbx_frames_total            ? 
_diffrn_detector.pdbx_collection_time_total   ? 
_diffrn_detector.pdbx_collection_date         2019-02-18 
_diffrn_detector.pdbx_frequency               ? 
# 
_diffrn_radiation.collimation                      ? 
_diffrn_radiation.diffrn_id                        1 
_diffrn_radiation.filter_edge                      ? 
_diffrn_radiation.inhomogeneity                    ? 
_diffrn_radiation.monochromator                    ? 
_diffrn_radiation.polarisn_norm                    ? 
_diffrn_radiation.polarisn_ratio                   ? 
_diffrn_radiation.probe                            ? 
_diffrn_radiation.type                             ? 
_diffrn_radiation.xray_symbol                      ? 
_diffrn_radiation.wavelength_id                    1 
_diffrn_radiation.pdbx_monochromatic_or_laue_m_l   M 
_diffrn_radiation.pdbx_wavelength_list             ? 
_diffrn_radiation.pdbx_wavelength                  ? 
_diffrn_radiation.pdbx_diffrn_protocol             'SINGLE WAVELENGTH' 
_diffrn_radiation.pdbx_analyzer                    ? 
_diffrn_radiation.pdbx_scattering_type             x-ray 
# 
_diffrn_radiation_wavelength.id           1 
_diffrn_radiation_wavelength.wavelength   0.9763 
_diffrn_radiation_wavelength.wt           1.0 
# 
_diffrn_source.current                     ? 
_diffrn_source.details                     ? 
_diffrn_source.diffrn_id                   1 
_diffrn_source.power                       ? 
_diffrn_source.size                        ? 
_diffrn_source.source                      SYNCHROTRON 
_diffrn_source.target                      ? 
_diffrn_source.type                        'DIAMOND BEAMLINE I03' 
_diffrn_source.voltage                     ? 
_diffrn_source.take-off_angle              ? 
_diffrn_source.pdbx_wavelength_list        0.9763 
_diffrn_source.pdbx_wavelength             ? 
_diffrn_source.pdbx_synchrotron_beamline   I03 
_diffrn_source.pdbx_synchrotron_site       Diamond 
# 
_reflns.B_iso_Wilson_estimate            ? 
_reflns.entry_id                         6R6D 
_reflns.data_reduction_details           ? 
_reflns.data_reduction_method            ? 
_reflns.d_resolution_high                1.838 
_reflns.d_resolution_low                 34.31 
_reflns.details                          ? 
_reflns.limit_h_max                      ? 
_reflns.limit_h_min                      ? 
_reflns.limit_k_max                      ? 
_reflns.limit_k_min                      ? 
_reflns.limit_l_max                      ? 
_reflns.limit_l_min                      ? 
_reflns.number_all                       ? 
_reflns.number_obs                       6316 
_reflns.observed_criterion               ? 
_reflns.observed_criterion_F_max         ? 
_reflns.observed_criterion_F_min         ? 
_reflns.observed_criterion_I_max         ? 
_reflns.observed_criterion_I_min         ? 
_reflns.observed_criterion_sigma_F       ? 
_reflns.observed_criterion_sigma_I       ? 
_reflns.percent_possible_obs             100 
_reflns.R_free_details                   ? 
_reflns.Rmerge_F_all                     ? 
_reflns.Rmerge_F_obs                     ? 
_reflns.Friedel_coverage                 ? 
_reflns.number_gt                        ? 
_reflns.threshold_expression             ? 
_reflns.pdbx_redundancy                  23.5 
_reflns.pdbx_Rmerge_I_obs                0.097 
_reflns.pdbx_Rmerge_I_all                ? 
_reflns.pdbx_Rsym_value                  ? 
_reflns.pdbx_netI_over_av_sigmaI         ? 
_reflns.pdbx_netI_over_sigmaI            17.7 
_reflns.pdbx_res_netI_over_av_sigmaI_2   ? 
_reflns.pdbx_res_netI_over_sigmaI_2      ? 
_reflns.pdbx_chi_squared                 ? 
_reflns.pdbx_scaling_rejects             ? 
_reflns.pdbx_d_res_high_opt              ? 
_reflns.pdbx_d_res_low_opt               ? 
_reflns.pdbx_d_res_opt_method            ? 
_reflns.phase_calculation_details        ? 
_reflns.pdbx_Rrim_I_all                  0.100 
_reflns.pdbx_Rpim_I_all                  0.021 
_reflns.pdbx_d_opt                       ? 
_reflns.pdbx_number_measured_all         ? 
_reflns.pdbx_diffrn_id                   1 
_reflns.pdbx_ordinal                     1 
_reflns.pdbx_CC_half                     0.999 
_reflns.pdbx_R_split                     ? 
# 
_reflns_shell.d_res_high                  1.84 
_reflns_shell.d_res_low                   1.87 
_reflns_shell.meanI_over_sigI_all         ? 
_reflns_shell.meanI_over_sigI_obs         ? 
_reflns_shell.number_measured_all         ? 
_reflns_shell.number_measured_obs         ? 
_reflns_shell.number_possible             ? 
_reflns_shell.number_unique_all           ? 
_reflns_shell.number_unique_obs           180 
_reflns_shell.percent_possible_all        98.90 
_reflns_shell.percent_possible_obs        ? 
_reflns_shell.Rmerge_F_all                ? 
_reflns_shell.Rmerge_F_obs                ? 
_reflns_shell.Rmerge_I_all                ? 
_reflns_shell.Rmerge_I_obs                ? 
_reflns_shell.meanI_over_sigI_gt          ? 
_reflns_shell.meanI_over_uI_all           ? 
_reflns_shell.meanI_over_uI_gt            ? 
_reflns_shell.number_measured_gt          ? 
_reflns_shell.number_unique_gt            ? 
_reflns_shell.percent_possible_gt         ? 
_reflns_shell.Rmerge_F_gt                 ? 
_reflns_shell.Rmerge_I_gt                 ? 
_reflns_shell.pdbx_redundancy             24.5 
_reflns_shell.pdbx_Rsym_value             ? 
_reflns_shell.pdbx_chi_squared            ? 
_reflns_shell.pdbx_netI_over_sigmaI_all   ? 
_reflns_shell.pdbx_netI_over_sigmaI_obs   ? 
_reflns_shell.pdbx_Rrim_I_all             ? 
_reflns_shell.pdbx_Rpim_I_all             ? 
_reflns_shell.pdbx_rejects                ? 
_reflns_shell.pdbx_ordinal                1 
_reflns_shell.pdbx_diffrn_id              1 
_reflns_shell.pdbx_CC_half                ? 
_reflns_shell.pdbx_R_split                ? 
# 
_refine.aniso_B[1][1]                            ? 
_refine.aniso_B[1][2]                            ? 
_refine.aniso_B[1][3]                            ? 
_refine.aniso_B[2][2]                            ? 
_refine.aniso_B[2][3]                            ? 
_refine.aniso_B[3][3]                            ? 
_refine.B_iso_max                                ? 
_refine.B_iso_mean                               ? 
_refine.B_iso_min                                ? 
_refine.correlation_coeff_Fo_to_Fc               ? 
_refine.correlation_coeff_Fo_to_Fc_free          ? 
_refine.details                                  ? 
_refine.diff_density_max                         ? 
_refine.diff_density_max_esd                     ? 
_refine.diff_density_min                         ? 
_refine.diff_density_min_esd                     ? 
_refine.diff_density_rms                         ? 
_refine.diff_density_rms_esd                     ? 
_refine.entry_id                                 6R6D 
_refine.pdbx_refine_id                           'X-RAY DIFFRACTION' 
_refine.ls_abs_structure_details                 ? 
_refine.ls_abs_structure_Flack                   ? 
_refine.ls_abs_structure_Flack_esd               ? 
_refine.ls_abs_structure_Rogers                  ? 
_refine.ls_abs_structure_Rogers_esd              ? 
_refine.ls_d_res_high                            1.838 
_refine.ls_d_res_low                             33.025 
_refine.ls_extinction_coef                       ? 
_refine.ls_extinction_coef_esd                   ? 
_refine.ls_extinction_expression                 ? 
_refine.ls_extinction_method                     ? 
_refine.ls_goodness_of_fit_all                   ? 
_refine.ls_goodness_of_fit_all_esd               ? 
_refine.ls_goodness_of_fit_obs                   ? 
_refine.ls_goodness_of_fit_obs_esd               ? 
_refine.ls_hydrogen_treatment                    ? 
_refine.ls_matrix_type                           ? 
_refine.ls_number_constraints                    ? 
_refine.ls_number_parameters                     ? 
_refine.ls_number_reflns_all                     ? 
_refine.ls_number_reflns_obs                     6316 
_refine.ls_number_reflns_R_free                  310 
_refine.ls_number_reflns_R_work                  ? 
_refine.ls_number_restraints                     ? 
_refine.ls_percent_reflns_obs                    99.86 
_refine.ls_percent_reflns_R_free                 4.91 
_refine.ls_R_factor_all                          ? 
_refine.ls_R_factor_obs                          0.1790 
_refine.ls_R_factor_R_free                       0.1866 
_refine.ls_R_factor_R_free_error                 ? 
_refine.ls_R_factor_R_free_error_details         ? 
_refine.ls_R_factor_R_work                       0.1786 
_refine.ls_R_Fsqd_factor_obs                     ? 
_refine.ls_R_I_factor_obs                        ? 
_refine.ls_redundancy_reflns_all                 ? 
_refine.ls_redundancy_reflns_obs                 ? 
_refine.ls_restrained_S_all                      ? 
_refine.ls_restrained_S_obs                      ? 
_refine.ls_shift_over_esd_max                    ? 
_refine.ls_shift_over_esd_mean                   ? 
_refine.ls_structure_factor_coef                 ? 
_refine.ls_weighting_details                     ? 
_refine.ls_weighting_scheme                      ? 
_refine.ls_wR_factor_all                         ? 
_refine.ls_wR_factor_obs                         ? 
_refine.ls_wR_factor_R_free                      ? 
_refine.ls_wR_factor_R_work                      ? 
_refine.occupancy_max                            ? 
_refine.occupancy_min                            ? 
_refine.solvent_model_details                    ? 
_refine.solvent_model_param_bsol                 ? 
_refine.solvent_model_param_ksol                 ? 
_refine.ls_R_factor_gt                           ? 
_refine.ls_goodness_of_fit_gt                    ? 
_refine.ls_goodness_of_fit_ref                   ? 
_refine.ls_shift_over_su_max                     ? 
_refine.ls_shift_over_su_max_lt                  ? 
_refine.ls_shift_over_su_mean                    ? 
_refine.ls_shift_over_su_mean_lt                 ? 
_refine.pdbx_ls_sigma_I                          ? 
_refine.pdbx_ls_sigma_F                          1.34 
_refine.pdbx_ls_sigma_Fsqd                       ? 
_refine.pdbx_data_cutoff_high_absF               ? 
_refine.pdbx_data_cutoff_high_rms_absF           ? 
_refine.pdbx_data_cutoff_low_absF                ? 
_refine.pdbx_isotropic_thermal_model             ? 
_refine.pdbx_ls_cross_valid_method               'FREE R-VALUE' 
_refine.pdbx_method_to_determine_struct          SAD 
_refine.pdbx_starting_model                      ? 
_refine.pdbx_stereochemistry_target_values       ? 
_refine.pdbx_R_Free_selection_details            ? 
_refine.pdbx_stereochem_target_val_spec_case     ? 
_refine.pdbx_overall_ESU_R                       ? 
_refine.pdbx_overall_ESU_R_Free                  ? 
_refine.pdbx_solvent_vdw_probe_radii             1.11 
_refine.pdbx_solvent_ion_probe_radii             ? 
_refine.pdbx_solvent_shrinkage_radii             0.90 
_refine.pdbx_real_space_R                        ? 
_refine.pdbx_density_correlation                 ? 
_refine.pdbx_pd_number_of_powder_patterns        ? 
_refine.pdbx_pd_number_of_points                 ? 
_refine.pdbx_pd_meas_number_of_points            ? 
_refine.pdbx_pd_proc_ls_prof_R_factor            ? 
_refine.pdbx_pd_proc_ls_prof_wR_factor           ? 
_refine.pdbx_pd_Marquardt_correlation_coeff      ? 
_refine.pdbx_pd_Fsqrd_R_factor                   ? 
_refine.pdbx_pd_ls_matrix_band_width             ? 
_refine.pdbx_overall_phase_error                 26.54 
_refine.pdbx_overall_SU_R_free_Cruickshank_DPI   ? 
_refine.pdbx_overall_SU_R_free_Blow_DPI          ? 
_refine.pdbx_overall_SU_R_Blow_DPI               ? 
_refine.pdbx_TLS_residual_ADP_flag               ? 
_refine.pdbx_diffrn_id                           1 
_refine.overall_SU_B                             ? 
_refine.overall_SU_ML                            0.20 
_refine.overall_SU_R_Cruickshank_DPI             ? 
_refine.overall_SU_R_free                        ? 
_refine.overall_FOM_free_R_set                   ? 
_refine.overall_FOM_work_R_set                   ? 
_refine.pdbx_average_fsc_overall                 ? 
_refine.pdbx_average_fsc_work                    ? 
_refine.pdbx_average_fsc_free                    ? 
# 
_refine_hist.pdbx_refine_id                   'X-RAY DIFFRACTION' 
_refine_hist.cycle_id                         LAST 
_refine_hist.pdbx_number_atoms_protein        0 
_refine_hist.pdbx_number_atoms_nucleic_acid   202 
_refine_hist.pdbx_number_atoms_ligand         57 
_refine_hist.number_atoms_solvent             18 
_refine_hist.number_atoms_total               277 
_refine_hist.d_res_high                       1.838 
_refine_hist.d_res_low                        33.025 
# 
loop_
_refine_ls_restr.pdbx_refine_id 
_refine_ls_restr.criterion 
_refine_ls_restr.dev_ideal 
_refine_ls_restr.dev_ideal_target 
_refine_ls_restr.number 
_refine_ls_restr.rejects 
_refine_ls_restr.type 
_refine_ls_restr.weight 
_refine_ls_restr.pdbx_restraint_function 
'X-RAY DIFFRACTION' ? 0.011  ? 294 ? f_bond_d           ? ? 
'X-RAY DIFFRACTION' ? 1.150  ? 462 ? f_angle_d          ? ? 
'X-RAY DIFFRACTION' ? 26.202 ? 101 ? f_dihedral_angle_d ? ? 
'X-RAY DIFFRACTION' ? 0.054  ? 42  ? f_chiral_restr     ? ? 
'X-RAY DIFFRACTION' ? 0.009  ? 13  ? f_plane_restr      ? ? 
# 
loop_
_refine_ls_shell.pdbx_refine_id 
_refine_ls_shell.d_res_high 
_refine_ls_shell.d_res_low 
_refine_ls_shell.number_reflns_all 
_refine_ls_shell.number_reflns_obs 
_refine_ls_shell.number_reflns_R_free 
_refine_ls_shell.number_reflns_R_work 
_refine_ls_shell.percent_reflns_obs 
_refine_ls_shell.percent_reflns_R_free 
_refine_ls_shell.R_factor_all 
_refine_ls_shell.R_factor_obs 
_refine_ls_shell.R_factor_R_free 
_refine_ls_shell.R_factor_R_free_error 
_refine_ls_shell.R_factor_R_work 
_refine_ls_shell.redundancy_reflns_all 
_refine_ls_shell.redundancy_reflns_obs 
_refine_ls_shell.wR_factor_all 
_refine_ls_shell.wR_factor_obs 
_refine_ls_shell.wR_factor_R_free 
_refine_ls_shell.wR_factor_R_work 
_refine_ls_shell.pdbx_total_number_of_bins_used 
_refine_ls_shell.pdbx_phase_error 
_refine_ls_shell.pdbx_fsc_work 
_refine_ls_shell.pdbx_fsc_free 
'X-RAY DIFFRACTION' 1.8384 2.3161  . . 152 3013 100.00 . . . 0.3091 . 0.2068 . . . . . . . . . . 
'X-RAY DIFFRACTION' 2.3161 33.0300 . . 158 2993 100.00 . . . 0.1666 . 0.1729 . . . . . . . . . . 
# 
_struct.entry_id                     6R6D 
_struct.title                        '[Ru(TAP)2(11,12-CN2-dppz)]2+ bound to d(TCGGCGCCGA)2' 
_struct.pdbx_model_details           ? 
_struct.pdbx_formula_weight          ? 
_struct.pdbx_formula_weight_method   ? 
_struct.pdbx_model_type_details      ? 
_struct.pdbx_CASP_flag               N 
# 
_struct_keywords.entry_id        6R6D 
_struct_keywords.text            'Ruthenium, intercalation, DNA, asymmetric' 
_struct_keywords.pdbx_keywords   DNA 
# 
loop_
_struct_asym.id 
_struct_asym.pdbx_blank_PDB_chainid_flag 
_struct_asym.pdbx_modified 
_struct_asym.entity_id 
_struct_asym.details 
A N N 1 ? 
B N N 2 ? 
C N N 3 ? 
D N N 4 ? 
E N N 5 ? 
# 
_struct_ref.id                         1 
_struct_ref.db_name                    PDB 
_struct_ref.db_code                    6R6D 
_struct_ref.pdbx_db_accession          6R6D 
_struct_ref.pdbx_db_isoform            ? 
_struct_ref.entity_id                  1 
_struct_ref.pdbx_seq_one_letter_code   ? 
_struct_ref.pdbx_align_begin           1 
# 
_struct_ref_seq.align_id                      1 
_struct_ref_seq.ref_id                        1 
_struct_ref_seq.pdbx_PDB_id_code              6R6D 
_struct_ref_seq.pdbx_strand_id                A 
_struct_ref_seq.seq_align_beg                 1 
_struct_ref_seq.pdbx_seq_align_beg_ins_code   ? 
_struct_ref_seq.seq_align_end                 10 
_struct_ref_seq.pdbx_seq_align_end_ins_code   ? 
_struct_ref_seq.pdbx_db_accession             6R6D 
_struct_ref_seq.db_align_beg                  1 
_struct_ref_seq.pdbx_db_align_beg_ins_code    ? 
_struct_ref_seq.db_align_end                  10 
_struct_ref_seq.pdbx_db_align_end_ins_code    ? 
_struct_ref_seq.pdbx_auth_seq_align_beg       1 
_struct_ref_seq.pdbx_auth_seq_align_end       10 
# 
_pdbx_struct_assembly.id                   1 
_pdbx_struct_assembly.details              author_and_software_defined_assembly 
_pdbx_struct_assembly.method_details       PISA 
_pdbx_struct_assembly.oligomeric_details   dimeric 
_pdbx_struct_assembly.oligomeric_count     2 
# 
loop_
_pdbx_struct_assembly_prop.biol_id 
_pdbx_struct_assembly_prop.type 
_pdbx_struct_assembly_prop.value 
_pdbx_struct_assembly_prop.details 
1 'ABSA (A^2)' 2590 ? 
1 MORE         -49  ? 
1 'SSA (A^2)'  4340 ? 
# 
_pdbx_struct_assembly_gen.assembly_id       1 
_pdbx_struct_assembly_gen.oper_expression   1,2 
_pdbx_struct_assembly_gen.asym_id_list      A,B,C,D,E 
# 
_pdbx_struct_assembly_auth_evidence.id                     1 
_pdbx_struct_assembly_auth_evidence.assembly_id            1 
_pdbx_struct_assembly_auth_evidence.experimental_support   none 
_pdbx_struct_assembly_auth_evidence.details                ? 
# 
loop_
_pdbx_struct_oper_list.id 
_pdbx_struct_oper_list.type 
_pdbx_struct_oper_list.name 
_pdbx_struct_oper_list.symmetry_operation 
_pdbx_struct_oper_list.matrix[1][1] 
_pdbx_struct_oper_list.matrix[1][2] 
_pdbx_struct_oper_list.matrix[1][3] 
_pdbx_struct_oper_list.vector[1] 
_pdbx_struct_oper_list.matrix[2][1] 
_pdbx_struct_oper_list.matrix[2][2] 
_pdbx_struct_oper_list.matrix[2][3] 
_pdbx_struct_oper_list.vector[2] 
_pdbx_struct_oper_list.matrix[3][1] 
_pdbx_struct_oper_list.matrix[3][2] 
_pdbx_struct_oper_list.matrix[3][3] 
_pdbx_struct_oper_list.vector[3] 
1 'identity operation'         1_555 x,y,z  1.0000000000 0.0000000000 0.0000000000  0.0000000000  0.0000000000 1.0000000000  0.0000000000  0.0000000000  0.0000000000  0.0000000000  1.0000000000  0.0000000000  
2 'crystal symmetry operation' 7_555 y,x,-z 0.1856332188 0.5085545795 -0.8407809155 -1.1522489391 0.5085545795 -0.7818652884 -0.3606368126 -2.4783567940 -0.8407809155 -0.3606368126 -0.4037679304 -3.1239104828 
# 
loop_
_struct_conn.id 
_struct_conn.conn_type_id 
_struct_conn.pdbx_leaving_atom_flag 
_struct_conn.pdbx_PDB_id 
_struct_conn.ptnr1_label_asym_id 
_struct_conn.ptnr1_label_comp_id 
_struct_conn.ptnr1_label_seq_id 
_struct_conn.ptnr1_label_atom_id 
_struct_conn.pdbx_ptnr1_label_alt_id 
_struct_conn.pdbx_ptnr1_PDB_ins_code 
_struct_conn.pdbx_ptnr1_standard_comp_id 
_struct_conn.ptnr1_symmetry 
_struct_conn.ptnr2_label_asym_id 
_struct_conn.ptnr2_label_comp_id 
_struct_conn.ptnr2_label_seq_id 
_struct_conn.ptnr2_label_atom_id 
_struct_conn.pdbx_ptnr2_label_alt_id 
_struct_conn.pdbx_ptnr2_PDB_ins_code 
_struct_conn.ptnr1_auth_asym_id 
_struct_conn.ptnr1_auth_comp_id 
_struct_conn.ptnr1_auth_seq_id 
_struct_conn.ptnr2_auth_asym_id 
_struct_conn.ptnr2_auth_comp_id 
_struct_conn.ptnr2_auth_seq_id 
_struct_conn.ptnr2_symmetry 
_struct_conn.pdbx_ptnr3_label_atom_id 
_struct_conn.pdbx_ptnr3_label_seq_id 
_struct_conn.pdbx_ptnr3_label_comp_id 
_struct_conn.pdbx_ptnr3_label_asym_id 
_struct_conn.pdbx_ptnr3_label_alt_id 
_struct_conn.pdbx_ptnr3_PDB_ins_code 
_struct_conn.details 
_struct_conn.pdbx_dist_value 
_struct_conn.pdbx_value_order 
_struct_conn.pdbx_role 
metalc1  metalc ? ? A DG 4  O6 ? ? ? 1_555 B BA  .  BA ? ? A DG 4   A BA  101 1_555 ? ? ? ? ? ? ?            2.793 ? ? 
metalc2  metalc ? ? B BA .  BA ? ? ? 1_555 E HOH .  O  ? ? A BA 101 A HOH 201 1_555 ? ? ? ? ? ? ?            2.727 ? ? 
metalc3  metalc ? ? B BA .  BA ? ? ? 1_555 E HOH .  O  ? ? A BA 101 A HOH 202 1_555 ? ? ? ? ? ? ?            2.729 ? ? 
metalc4  metalc ? ? B BA .  BA ? ? ? 1_555 E HOH .  O  ? ? A BA 101 A HOH 203 1_555 ? ? ? ? ? ? ?            2.769 ? ? 
metalc5  metalc ? ? B BA .  BA ? ? ? 1_555 E HOH .  O  ? ? A BA 101 A HOH 208 7_555 ? ? ? ? ? ? ?            2.749 ? ? 
metalc6  metalc ? ? B BA .  BA ? ? ? 1_555 E HOH .  O  ? ? A BA 101 A HOH 210 1_555 ? ? ? ? ? ? ?            2.702 ? ? 
metalc7  metalc ? ? B BA .  BA ? ? ? 1_555 E HOH .  O  ? ? A BA 101 A HOH 218 1_555 ? ? ? ? ? ? ?            2.917 ? ? 
metalc8  metalc ? ? D NA .  NA ? ? ? 1_555 E HOH .  O  ? ? A NA 103 A HOH 210 1_555 ? ? ? ? ? ? ?            3.080 ? ? 
metalc9  metalc ? ? D NA .  NA ? ? ? 1_555 E HOH .  O  ? ? A NA 103 A HOH 210 7_555 ? ? ? ? ? ? ?            3.174 ? ? 
hydrog1  hydrog ? ? A DT 1  N3 ? ? ? 1_555 A DA  10 N1 ? ? A DT 1   A DA  10  7_555 ? ? ? ? ? ? WATSON-CRICK ?     ? ? 
hydrog2  hydrog ? ? A DT 1  O4 ? ? ? 1_555 A DA  10 N6 ? ? A DT 1   A DA  10  7_555 ? ? ? ? ? ? WATSON-CRICK ?     ? ? 
hydrog3  hydrog ? ? A DC 2  N3 ? ? ? 1_555 A DG  9  N1 ? ? A DC 2   A DG  9   7_555 ? ? ? ? ? ? WATSON-CRICK ?     ? ? 
hydrog4  hydrog ? ? A DC 2  N4 ? ? ? 1_555 A DG  9  O6 ? ? A DC 2   A DG  9   7_555 ? ? ? ? ? ? WATSON-CRICK ?     ? ? 
hydrog5  hydrog ? ? A DC 2  O2 ? ? ? 1_555 A DG  9  N2 ? ? A DC 2   A DG  9   7_555 ? ? ? ? ? ? WATSON-CRICK ?     ? ? 
hydrog6  hydrog ? ? A DG 3  N1 ? ? ? 1_555 A DC  8  N3 ? ? A DG 3   A DC  8   7_555 ? ? ? ? ? ? WATSON-CRICK ?     ? ? 
hydrog7  hydrog ? ? A DG 3  N2 ? ? ? 1_555 A DC  8  O2 ? ? A DG 3   A DC  8   7_555 ? ? ? ? ? ? WATSON-CRICK ?     ? ? 
hydrog8  hydrog ? ? A DG 3  O6 ? ? ? 1_555 A DC  8  N4 ? ? A DG 3   A DC  8   7_555 ? ? ? ? ? ? WATSON-CRICK ?     ? ? 
hydrog9  hydrog ? ? A DG 4  N1 ? ? ? 1_555 A DC  7  N3 ? ? A DG 4   A DC  7   7_555 ? ? ? ? ? ? WATSON-CRICK ?     ? ? 
hydrog10 hydrog ? ? A DG 4  N2 ? ? ? 1_555 A DC  7  O2 ? ? A DG 4   A DC  7   7_555 ? ? ? ? ? ? WATSON-CRICK ?     ? ? 
hydrog11 hydrog ? ? A DG 4  O6 ? ? ? 1_555 A DC  7  N4 ? ? A DG 4   A DC  7   7_555 ? ? ? ? ? ? WATSON-CRICK ?     ? ? 
hydrog12 hydrog ? ? A DC 5  N3 ? ? ? 1_555 A DG  6  N1 ? ? A DC 5   A DG  6   7_555 ? ? ? ? ? ? WATSON-CRICK ?     ? ? 
hydrog13 hydrog ? ? A DC 5  N4 ? ? ? 1_555 A DG  6  O6 ? ? A DC 5   A DG  6   7_555 ? ? ? ? ? ? WATSON-CRICK ?     ? ? 
hydrog14 hydrog ? ? A DC 5  O2 ? ? ? 1_555 A DG  6  N2 ? ? A DC 5   A DG  6   7_555 ? ? ? ? ? ? WATSON-CRICK ?     ? ? 
hydrog15 hydrog ? ? A DG 6  N1 ? ? ? 1_555 A DC  5  N3 ? ? A DG 6   A DC  5   7_555 ? ? ? ? ? ? WATSON-CRICK ?     ? ? 
hydrog16 hydrog ? ? A DG 6  N2 ? ? ? 1_555 A DC  5  O2 ? ? A DG 6   A DC  5   7_555 ? ? ? ? ? ? WATSON-CRICK ?     ? ? 
hydrog17 hydrog ? ? A DG 6  O6 ? ? ? 1_555 A DC  5  N4 ? ? A DG 6   A DC  5   7_555 ? ? ? ? ? ? WATSON-CRICK ?     ? ? 
hydrog18 hydrog ? ? A DC 7  N3 ? ? ? 1_555 A DG  4  N1 ? ? A DC 7   A DG  4   7_555 ? ? ? ? ? ? WATSON-CRICK ?     ? ? 
hydrog19 hydrog ? ? A DC 7  N4 ? ? ? 1_555 A DG  4  O6 ? ? A DC 7   A DG  4   7_555 ? ? ? ? ? ? WATSON-CRICK ?     ? ? 
hydrog20 hydrog ? ? A DC 7  O2 ? ? ? 1_555 A DG  4  N2 ? ? A DC 7   A DG  4   7_555 ? ? ? ? ? ? WATSON-CRICK ?     ? ? 
hydrog21 hydrog ? ? A DC 8  N3 ? ? ? 1_555 A DG  3  N1 ? ? A DC 8   A DG  3   7_555 ? ? ? ? ? ? WATSON-CRICK ?     ? ? 
hydrog22 hydrog ? ? A DC 8  N4 ? ? ? 1_555 A DG  3  O6 ? ? A DC 8   A DG  3   7_555 ? ? ? ? ? ? WATSON-CRICK ?     ? ? 
hydrog23 hydrog ? ? A DC 8  O2 ? ? ? 1_555 A DG  3  N2 ? ? A DC 8   A DG  3   7_555 ? ? ? ? ? ? WATSON-CRICK ?     ? ? 
hydrog24 hydrog ? ? A DG 9  N1 ? ? ? 1_555 A DC  2  N3 ? ? A DG 9   A DC  2   7_555 ? ? ? ? ? ? WATSON-CRICK ?     ? ? 
hydrog25 hydrog ? ? A DG 9  N2 ? ? ? 1_555 A DC  2  O2 ? ? A DG 9   A DC  2   7_555 ? ? ? ? ? ? WATSON-CRICK ?     ? ? 
hydrog26 hydrog ? ? A DG 9  O6 ? ? ? 1_555 A DC  2  N4 ? ? A DG 9   A DC  2   7_555 ? ? ? ? ? ? WATSON-CRICK ?     ? ? 
hydrog27 hydrog ? ? A DA 10 N1 ? ? ? 1_555 A DT  1  N3 ? ? A DA 10  A DT  1   7_555 ? ? ? ? ? ? WATSON-CRICK ?     ? ? 
hydrog28 hydrog ? ? A DA 10 N6 ? ? ? 1_555 A DT  1  O4 ? ? A DA 10  A DT  1   7_555 ? ? ? ? ? ? WATSON-CRICK ?     ? ? 
# 
loop_
_struct_conn_type.id 
_struct_conn_type.criteria 
_struct_conn_type.reference 
metalc ? ? 
hydrog ? ? 
# 
loop_
_pdbx_struct_conn_angle.id 
_pdbx_struct_conn_angle.ptnr1_label_atom_id 
_pdbx_struct_conn_angle.ptnr1_label_alt_id 
_pdbx_struct_conn_angle.ptnr1_label_asym_id 
_pdbx_struct_conn_angle.ptnr1_label_comp_id 
_pdbx_struct_conn_angle.ptnr1_label_seq_id 
_pdbx_struct_conn_angle.ptnr1_auth_atom_id 
_pdbx_struct_conn_angle.ptnr1_auth_asym_id 
_pdbx_struct_conn_angle.ptnr1_auth_comp_id 
_pdbx_struct_conn_angle.ptnr1_auth_seq_id 
_pdbx_struct_conn_angle.ptnr1_PDB_ins_code 
_pdbx_struct_conn_angle.ptnr1_symmetry 
_pdbx_struct_conn_angle.ptnr2_label_atom_id 
_pdbx_struct_conn_angle.ptnr2_label_alt_id 
_pdbx_struct_conn_angle.ptnr2_label_asym_id 
_pdbx_struct_conn_angle.ptnr2_label_comp_id 
_pdbx_struct_conn_angle.ptnr2_label_seq_id 
_pdbx_struct_conn_angle.ptnr2_auth_atom_id 
_pdbx_struct_conn_angle.ptnr2_auth_asym_id 
_pdbx_struct_conn_angle.ptnr2_auth_comp_id 
_pdbx_struct_conn_angle.ptnr2_auth_seq_id 
_pdbx_struct_conn_angle.ptnr2_PDB_ins_code 
_pdbx_struct_conn_angle.ptnr2_symmetry 
_pdbx_struct_conn_angle.ptnr3_label_atom_id 
_pdbx_struct_conn_angle.ptnr3_label_alt_id 
_pdbx_struct_conn_angle.ptnr3_label_asym_id 
_pdbx_struct_conn_angle.ptnr3_label_comp_id 
_pdbx_struct_conn_angle.ptnr3_label_seq_id 
_pdbx_struct_conn_angle.ptnr3_auth_atom_id 
_pdbx_struct_conn_angle.ptnr3_auth_asym_id 
_pdbx_struct_conn_angle.ptnr3_auth_comp_id 
_pdbx_struct_conn_angle.ptnr3_auth_seq_id 
_pdbx_struct_conn_angle.ptnr3_PDB_ins_code 
_pdbx_struct_conn_angle.ptnr3_symmetry 
_pdbx_struct_conn_angle.value 
_pdbx_struct_conn_angle.value_esd 
1  O6 ? A DG  4 ? A DG  4   ? 1_555 BA ? B BA . ? A BA 101 ? 1_555 O ? E HOH . ? A HOH 201 ? 1_555 68.2  ? 
2  O6 ? A DG  4 ? A DG  4   ? 1_555 BA ? B BA . ? A BA 101 ? 1_555 O ? E HOH . ? A HOH 202 ? 1_555 143.4 ? 
3  O  ? E HOH . ? A HOH 201 ? 1_555 BA ? B BA . ? A BA 101 ? 1_555 O ? E HOH . ? A HOH 202 ? 1_555 83.2  ? 
4  O6 ? A DG  4 ? A DG  4   ? 1_555 BA ? B BA . ? A BA 101 ? 1_555 O ? E HOH . ? A HOH 203 ? 1_555 130.9 ? 
5  O  ? E HOH . ? A HOH 201 ? 1_555 BA ? B BA . ? A BA 101 ? 1_555 O ? E HOH . ? A HOH 203 ? 1_555 140.7 ? 
6  O  ? E HOH . ? A HOH 202 ? 1_555 BA ? B BA . ? A BA 101 ? 1_555 O ? E HOH . ? A HOH 203 ? 1_555 62.4  ? 
7  O6 ? A DG  4 ? A DG  4   ? 1_555 BA ? B BA . ? A BA 101 ? 1_555 O ? E HOH . ? A HOH 208 ? 7_555 66.5  ? 
8  O  ? E HOH . ? A HOH 201 ? 1_555 BA ? B BA . ? A BA 101 ? 1_555 O ? E HOH . ? A HOH 208 ? 7_555 77.9  ? 
9  O  ? E HOH . ? A HOH 202 ? 1_555 BA ? B BA . ? A BA 101 ? 1_555 O ? E HOH . ? A HOH 208 ? 7_555 130.5 ? 
10 O  ? E HOH . ? A HOH 203 ? 1_555 BA ? B BA . ? A BA 101 ? 1_555 O ? E HOH . ? A HOH 208 ? 7_555 138.7 ? 
11 O6 ? A DG  4 ? A DG  4   ? 1_555 BA ? B BA . ? A BA 101 ? 1_555 O ? E HOH . ? A HOH 210 ? 1_555 91.3  ? 
12 O  ? E HOH . ? A HOH 201 ? 1_555 BA ? B BA . ? A BA 101 ? 1_555 O ? E HOH . ? A HOH 210 ? 1_555 143.1 ? 
13 O  ? E HOH . ? A HOH 202 ? 1_555 BA ? B BA . ? A BA 101 ? 1_555 O ? E HOH . ? A HOH 210 ? 1_555 124.7 ? 
14 O  ? E HOH . ? A HOH 203 ? 1_555 BA ? B BA . ? A BA 101 ? 1_555 O ? E HOH . ? A HOH 210 ? 1_555 75.9  ? 
15 O  ? E HOH . ? A HOH 208 ? 7_555 BA ? B BA . ? A BA 101 ? 1_555 O ? E HOH . ? A HOH 210 ? 1_555 65.6  ? 
16 O6 ? A DG  4 ? A DG  4   ? 1_555 BA ? B BA . ? A BA 101 ? 1_555 O ? E HOH . ? A HOH 218 ? 1_555 129.5 ? 
17 O  ? E HOH . ? A HOH 201 ? 1_555 BA ? B BA . ? A BA 101 ? 1_555 O ? E HOH . ? A HOH 218 ? 1_555 88.5  ? 
18 O  ? E HOH . ? A HOH 202 ? 1_555 BA ? B BA . ? A BA 101 ? 1_555 O ? E HOH . ? A HOH 218 ? 1_555 69.2  ? 
19 O  ? E HOH . ? A HOH 203 ? 1_555 BA ? B BA . ? A BA 101 ? 1_555 O ? E HOH . ? A HOH 218 ? 1_555 95.8  ? 
20 O  ? E HOH . ? A HOH 208 ? 7_555 BA ? B BA . ? A BA 101 ? 1_555 O ? E HOH . ? A HOH 218 ? 1_555 65.0  ? 
21 O  ? E HOH . ? A HOH 210 ? 1_555 BA ? B BA . ? A BA 101 ? 1_555 O ? E HOH . ? A HOH 218 ? 1_555 81.4  ? 
22 O  ? E HOH . ? A HOH 210 ? 1_555 NA ? D NA . ? A NA 103 ? 1_555 O ? E HOH . ? A HOH 210 ? 7_555 72.6  ? 
# 
loop_
_struct_site.id 
_struct_site.pdbx_evidence_code 
_struct_site.pdbx_auth_asym_id 
_struct_site.pdbx_auth_comp_id 
_struct_site.pdbx_auth_seq_id 
_struct_site.pdbx_auth_ins_code 
_struct_site.pdbx_num_residues 
_struct_site.details 
AC1 Software A BA  101 ? 8  'binding site for residue BA A 101'  
AC2 Software A EQQ 102 ? 11 'binding site for residue EQQ A 102' 
AC3 Software A NA  103 ? 3  'binding site for residue NA A 103'  
# 
loop_
_struct_site_gen.id 
_struct_site_gen.site_id 
_struct_site_gen.pdbx_num_res 
_struct_site_gen.label_comp_id 
_struct_site_gen.label_asym_id 
_struct_site_gen.label_seq_id 
_struct_site_gen.pdbx_auth_ins_code 
_struct_site_gen.auth_comp_id 
_struct_site_gen.auth_asym_id 
_struct_site_gen.auth_seq_id 
_struct_site_gen.label_atom_id 
_struct_site_gen.label_alt_id 
_struct_site_gen.symmetry 
_struct_site_gen.details 
1  AC1 8  DG  A 3  ? DG  A 3   . ? 1_555 ? 
2  AC1 8  DG  A 4  ? DG  A 4   . ? 1_555 ? 
3  AC1 8  HOH E .  ? HOH A 201 . ? 1_555 ? 
4  AC1 8  HOH E .  ? HOH A 202 . ? 1_555 ? 
5  AC1 8  HOH E .  ? HOH A 203 . ? 1_555 ? 
6  AC1 8  HOH E .  ? HOH A 208 . ? 7_555 ? 
7  AC1 8  HOH E .  ? HOH A 210 . ? 1_555 ? 
8  AC1 8  HOH E .  ? HOH A 218 . ? 1_555 ? 
9  AC2 11 DT  A 1  ? DT  A 1   . ? 1_555 ? 
10 AC2 11 DC  A 2  ? DC  A 2   . ? 1_555 ? 
11 AC2 11 DG  A 3  ? DG  A 3   . ? 4_565 ? 
12 AC2 11 DG  A 3  ? DG  A 3   . ? 1_555 ? 
13 AC2 11 DG  A 4  ? DG  A 4   . ? 4_565 ? 
14 AC2 11 DC  A 5  ? DC  A 5   . ? 4_565 ? 
15 AC2 11 DC  A 7  ? DC  A 7   . ? 6_565 ? 
16 AC2 11 DC  A 8  ? DC  A 8   . ? 6_565 ? 
17 AC2 11 DG  A 9  ? DG  A 9   . ? 7_555 ? 
18 AC2 11 DA  A 10 ? DA  A 10  . ? 5_644 ? 
19 AC2 11 DA  A 10 ? DA  A 10  . ? 7_555 ? 
20 AC3 3  DG  A 4  ? DG  A 4   . ? 1_555 ? 
21 AC3 3  DC  A 5  ? DC  A 5   . ? 1_555 ? 
22 AC3 3  HOH E .  ? HOH A 210 . ? 1_555 ? 
# 
loop_
_pdbx_refine_tls.pdbx_refine_id 
_pdbx_refine_tls.id 
_pdbx_refine_tls.details 
_pdbx_refine_tls.method 
_pdbx_refine_tls.origin_x 
_pdbx_refine_tls.origin_y 
_pdbx_refine_tls.origin_z 
_pdbx_refine_tls.T[1][1] 
_pdbx_refine_tls.T[2][2] 
_pdbx_refine_tls.T[3][3] 
_pdbx_refine_tls.T[1][2] 
_pdbx_refine_tls.T[1][3] 
_pdbx_refine_tls.T[2][3] 
_pdbx_refine_tls.L[1][1] 
_pdbx_refine_tls.L[2][2] 
_pdbx_refine_tls.L[3][3] 
_pdbx_refine_tls.L[1][2] 
_pdbx_refine_tls.L[1][3] 
_pdbx_refine_tls.L[2][3] 
_pdbx_refine_tls.S[1][1] 
_pdbx_refine_tls.S[2][2] 
_pdbx_refine_tls.S[3][3] 
_pdbx_refine_tls.S[1][2] 
_pdbx_refine_tls.S[1][3] 
_pdbx_refine_tls.S[2][3] 
_pdbx_refine_tls.S[2][1] 
_pdbx_refine_tls.S[3][1] 
_pdbx_refine_tls.S[3][2] 
'X-RAY DIFFRACTION' 1 ? refined -0.1492 -4.9434 -0.4506 0.2778 0.3676 0.3595 0.0481 0.0171  0.0157 4.1693 9.5548 6.7499 1.2445  -0.2167 7.8425  -0.0789 0.3656 -0.2093 -0.0887 -0.0544 -0.2307 0.1020  0.2050 0.1726  
'X-RAY DIFFRACTION' 2 ? refined 0.2599  14.4016 1.7923  0.3541 0.3543 0.4733 0.0147 -0.0380 0.0500 0.4648 6.2536 9.6088 -0.0877 2.0913  -0.9357 0.3664  0.4677 -0.6130 -0.2368 -0.7405 0.7100  -0.2295 0.2901 -0.8354 
# 
loop_
_pdbx_refine_tls_group.pdbx_refine_id 
_pdbx_refine_tls_group.id 
_pdbx_refine_tls_group.refine_tls_id 
_pdbx_refine_tls_group.beg_auth_asym_id 
_pdbx_refine_tls_group.beg_auth_seq_id 
_pdbx_refine_tls_group.end_auth_asym_id 
_pdbx_refine_tls_group.end_auth_seq_id 
_pdbx_refine_tls_group.selection_details 
_pdbx_refine_tls_group.beg_label_asym_id 
_pdbx_refine_tls_group.beg_label_seq_id 
_pdbx_refine_tls_group.end_label_asym_id 
_pdbx_refine_tls_group.end_label_seq_id 
_pdbx_refine_tls_group.selection 
'X-RAY DIFFRACTION' 1 1 A 1   A 10  '( CHAIN A AND RESID 1:10 )'    ? ? ? ? ? 
'X-RAY DIFFRACTION' 2 2 A 102 A 102 '( CHAIN A AND RESID 102:102 )' ? ? ? ? ? 
# 
loop_
_chem_comp_atom.comp_id 
_chem_comp_atom.atom_id 
_chem_comp_atom.type_symbol 
_chem_comp_atom.pdbx_aromatic_flag 
_chem_comp_atom.pdbx_stereo_config 
_chem_comp_atom.pdbx_ordinal 
BA  BA     BA N N 1   
DA  OP3    O  N N 2   
DA  P      P  N N 3   
DA  OP1    O  N N 4   
DA  OP2    O  N N 5   
DA  "O5'"  O  N N 6   
DA  "C5'"  C  N N 7   
DA  "C4'"  C  N R 8   
DA  "O4'"  O  N N 9   
DA  "C3'"  C  N S 10  
DA  "O3'"  O  N N 11  
DA  "C2'"  C  N N 12  
DA  "C1'"  C  N R 13  
DA  N9     N  Y N 14  
DA  C8     C  Y N 15  
DA  N7     N  Y N 16  
DA  C5     C  Y N 17  
DA  C6     C  Y N 18  
DA  N6     N  N N 19  
DA  N1     N  Y N 20  
DA  C2     C  Y N 21  
DA  N3     N  Y N 22  
DA  C4     C  Y N 23  
DA  HOP3   H  N N 24  
DA  HOP2   H  N N 25  
DA  "H5'"  H  N N 26  
DA  "H5''" H  N N 27  
DA  "H4'"  H  N N 28  
DA  "H3'"  H  N N 29  
DA  "HO3'" H  N N 30  
DA  "H2'"  H  N N 31  
DA  "H2''" H  N N 32  
DA  "H1'"  H  N N 33  
DA  H8     H  N N 34  
DA  H61    H  N N 35  
DA  H62    H  N N 36  
DA  H2     H  N N 37  
DC  OP3    O  N N 38  
DC  P      P  N N 39  
DC  OP1    O  N N 40  
DC  OP2    O  N N 41  
DC  "O5'"  O  N N 42  
DC  "C5'"  C  N N 43  
DC  "C4'"  C  N R 44  
DC  "O4'"  O  N N 45  
DC  "C3'"  C  N S 46  
DC  "O3'"  O  N N 47  
DC  "C2'"  C  N N 48  
DC  "C1'"  C  N R 49  
DC  N1     N  N N 50  
DC  C2     C  N N 51  
DC  O2     O  N N 52  
DC  N3     N  N N 53  
DC  C4     C  N N 54  
DC  N4     N  N N 55  
DC  C5     C  N N 56  
DC  C6     C  N N 57  
DC  HOP3   H  N N 58  
DC  HOP2   H  N N 59  
DC  "H5'"  H  N N 60  
DC  "H5''" H  N N 61  
DC  "H4'"  H  N N 62  
DC  "H3'"  H  N N 63  
DC  "HO3'" H  N N 64  
DC  "H2'"  H  N N 65  
DC  "H2''" H  N N 66  
DC  "H1'"  H  N N 67  
DC  H41    H  N N 68  
DC  H42    H  N N 69  
DC  H5     H  N N 70  
DC  H6     H  N N 71  
DG  OP3    O  N N 72  
DG  P      P  N N 73  
DG  OP1    O  N N 74  
DG  OP2    O  N N 75  
DG  "O5'"  O  N N 76  
DG  "C5'"  C  N N 77  
DG  "C4'"  C  N R 78  
DG  "O4'"  O  N N 79  
DG  "C3'"  C  N S 80  
DG  "O3'"  O  N N 81  
DG  "C2'"  C  N N 82  
DG  "C1'"  C  N R 83  
DG  N9     N  Y N 84  
DG  C8     C  Y N 85  
DG  N7     N  Y N 86  
DG  C5     C  Y N 87  
DG  C6     C  N N 88  
DG  O6     O  N N 89  
DG  N1     N  N N 90  
DG  C2     C  N N 91  
DG  N2     N  N N 92  
DG  N3     N  N N 93  
DG  C4     C  Y N 94  
DG  HOP3   H  N N 95  
DG  HOP2   H  N N 96  
DG  "H5'"  H  N N 97  
DG  "H5''" H  N N 98  
DG  "H4'"  H  N N 99  
DG  "H3'"  H  N N 100 
DG  "HO3'" H  N N 101 
DG  "H2'"  H  N N 102 
DG  "H2''" H  N N 103 
DG  "H1'"  H  N N 104 
DG  H8     H  N N 105 
DG  H1     H  N N 106 
DG  H21    H  N N 107 
DG  H22    H  N N 108 
DT  OP3    O  N N 109 
DT  P      P  N N 110 
DT  OP1    O  N N 111 
DT  OP2    O  N N 112 
DT  "O5'"  O  N N 113 
DT  "C5'"  C  N N 114 
DT  "C4'"  C  N R 115 
DT  "O4'"  O  N N 116 
DT  "C3'"  C  N S 117 
DT  "O3'"  O  N N 118 
DT  "C2'"  C  N N 119 
DT  "C1'"  C  N R 120 
DT  N1     N  N N 121 
DT  C2     C  N N 122 
DT  O2     O  N N 123 
DT  N3     N  N N 124 
DT  C4     C  N N 125 
DT  O4     O  N N 126 
DT  C5     C  N N 127 
DT  C7     C  N N 128 
DT  C6     C  N N 129 
DT  HOP3   H  N N 130 
DT  HOP2   H  N N 131 
DT  "H5'"  H  N N 132 
DT  "H5''" H  N N 133 
DT  "H4'"  H  N N 134 
DT  "H3'"  H  N N 135 
DT  "HO3'" H  N N 136 
DT  "H2'"  H  N N 137 
DT  "H2''" H  N N 138 
DT  "H1'"  H  N N 139 
DT  H3     H  N N 140 
DT  H71    H  N N 141 
DT  H72    H  N N 142 
DT  H73    H  N N 143 
DT  H6     H  N N 144 
EQQ N01    N  N N 145 
EQQ C02    C  N N 146 
EQQ C03    C  Y N 147 
EQQ C04    C  Y N 148 
EQQ C05    C  Y N 149 
EQQ C06    C  Y N 150 
EQQ C07    C  Y N 151 
EQQ C08    C  Y N 152 
EQQ C10    C  Y N 153 
EQQ C11    C  Y N 154 
EQQ C13    C  Y N 155 
EQQ C14    C  Y N 156 
EQQ C15    C  Y N 157 
EQQ C16    C  Y N 158 
EQQ C18    C  Y N 159 
EQQ C19    C  Y N 160 
EQQ C20    C  Y N 161 
EQQ C23    C  Y N 162 
EQQ C24    C  Y N 163 
EQQ C25    C  Y N 164 
EQQ C27    C  Y N 165 
EQQ C28    C  Y N 166 
EQQ C30    C  Y N 167 
EQQ C31    C  Y N 168 
EQQ C32    C  Y N 169 
EQQ C33    C  Y N 170 
EQQ C34    C  Y N 171 
EQQ C36    C  Y N 172 
EQQ C37    C  Y N 173 
EQQ C38    C  Y N 174 
EQQ C41    C  Y N 175 
EQQ C42    C  Y N 176 
EQQ C44    C  Y N 177 
EQQ C45    C  Y N 178 
EQQ C46    C  Y N 179 
EQQ C47    C  Y N 180 
EQQ C48    C  Y N 181 
EQQ C49    C  Y N 182 
EQQ C52    C  Y N 183 
EQQ C53    C  Y N 184 
EQQ C54    C  N N 185 
EQQ N09    N  Y N 186 
EQQ N12    N  Y N 187 
EQQ N17    N  Y N 188 
EQQ N22    N  Y N 189 
EQQ N26    N  Y N 190 
EQQ N29    N  Y N 191 
EQQ N35    N  Y N 192 
EQQ N39    N  Y N 193 
EQQ N40    N  Y N 194 
EQQ N43    N  Y N 195 
EQQ N50    N  Y N 196 
EQQ N51    N  Y N 197 
EQQ N55    N  N N 198 
EQQ RU     RU N N 199 
EQQ H1     H  N N 200 
EQQ H2     H  N N 201 
EQQ H3     H  N N 202 
EQQ H4     H  N N 203 
EQQ H5     H  N N 204 
EQQ H6     H  N N 205 
EQQ H7     H  N N 206 
EQQ H8     H  N N 207 
EQQ H9     H  N N 208 
EQQ H10    H  N N 209 
EQQ H11    H  N N 210 
EQQ H12    H  N N 211 
EQQ H13    H  N N 212 
EQQ H14    H  N N 213 
EQQ H15    H  N N 214 
EQQ H16    H  N N 215 
EQQ H17    H  N N 216 
EQQ H18    H  N N 217 
EQQ H19    H  N N 218 
EQQ H20    H  N N 219 
HOH O      O  N N 220 
HOH H1     H  N N 221 
HOH H2     H  N N 222 
NA  NA     NA N N 223 
# 
loop_
_chem_comp_bond.comp_id 
_chem_comp_bond.atom_id_1 
_chem_comp_bond.atom_id_2 
_chem_comp_bond.value_order 
_chem_comp_bond.pdbx_aromatic_flag 
_chem_comp_bond.pdbx_stereo_config 
_chem_comp_bond.pdbx_ordinal 
DA  OP3   P      sing N N 1   
DA  OP3   HOP3   sing N N 2   
DA  P     OP1    doub N N 3   
DA  P     OP2    sing N N 4   
DA  P     "O5'"  sing N N 5   
DA  OP2   HOP2   sing N N 6   
DA  "O5'" "C5'"  sing N N 7   
DA  "C5'" "C4'"  sing N N 8   
DA  "C5'" "H5'"  sing N N 9   
DA  "C5'" "H5''" sing N N 10  
DA  "C4'" "O4'"  sing N N 11  
DA  "C4'" "C3'"  sing N N 12  
DA  "C4'" "H4'"  sing N N 13  
DA  "O4'" "C1'"  sing N N 14  
DA  "C3'" "O3'"  sing N N 15  
DA  "C3'" "C2'"  sing N N 16  
DA  "C3'" "H3'"  sing N N 17  
DA  "O3'" "HO3'" sing N N 18  
DA  "C2'" "C1'"  sing N N 19  
DA  "C2'" "H2'"  sing N N 20  
DA  "C2'" "H2''" sing N N 21  
DA  "C1'" N9     sing N N 22  
DA  "C1'" "H1'"  sing N N 23  
DA  N9    C8     sing Y N 24  
DA  N9    C4     sing Y N 25  
DA  C8    N7     doub Y N 26  
DA  C8    H8     sing N N 27  
DA  N7    C5     sing Y N 28  
DA  C5    C6     sing Y N 29  
DA  C5    C4     doub Y N 30  
DA  C6    N6     sing N N 31  
DA  C6    N1     doub Y N 32  
DA  N6    H61    sing N N 33  
DA  N6    H62    sing N N 34  
DA  N1    C2     sing Y N 35  
DA  C2    N3     doub Y N 36  
DA  C2    H2     sing N N 37  
DA  N3    C4     sing Y N 38  
DC  OP3   P      sing N N 39  
DC  OP3   HOP3   sing N N 40  
DC  P     OP1    doub N N 41  
DC  P     OP2    sing N N 42  
DC  P     "O5'"  sing N N 43  
DC  OP2   HOP2   sing N N 44  
DC  "O5'" "C5'"  sing N N 45  
DC  "C5'" "C4'"  sing N N 46  
DC  "C5'" "H5'"  sing N N 47  
DC  "C5'" "H5''" sing N N 48  
DC  "C4'" "O4'"  sing N N 49  
DC  "C4'" "C3'"  sing N N 50  
DC  "C4'" "H4'"  sing N N 51  
DC  "O4'" "C1'"  sing N N 52  
DC  "C3'" "O3'"  sing N N 53  
DC  "C3'" "C2'"  sing N N 54  
DC  "C3'" "H3'"  sing N N 55  
DC  "O3'" "HO3'" sing N N 56  
DC  "C2'" "C1'"  sing N N 57  
DC  "C2'" "H2'"  sing N N 58  
DC  "C2'" "H2''" sing N N 59  
DC  "C1'" N1     sing N N 60  
DC  "C1'" "H1'"  sing N N 61  
DC  N1    C2     sing N N 62  
DC  N1    C6     sing N N 63  
DC  C2    O2     doub N N 64  
DC  C2    N3     sing N N 65  
DC  N3    C4     doub N N 66  
DC  C4    N4     sing N N 67  
DC  C4    C5     sing N N 68  
DC  N4    H41    sing N N 69  
DC  N4    H42    sing N N 70  
DC  C5    C6     doub N N 71  
DC  C5    H5     sing N N 72  
DC  C6    H6     sing N N 73  
DG  OP3   P      sing N N 74  
DG  OP3   HOP3   sing N N 75  
DG  P     OP1    doub N N 76  
DG  P     OP2    sing N N 77  
DG  P     "O5'"  sing N N 78  
DG  OP2   HOP2   sing N N 79  
DG  "O5'" "C5'"  sing N N 80  
DG  "C5'" "C4'"  sing N N 81  
DG  "C5'" "H5'"  sing N N 82  
DG  "C5'" "H5''" sing N N 83  
DG  "C4'" "O4'"  sing N N 84  
DG  "C4'" "C3'"  sing N N 85  
DG  "C4'" "H4'"  sing N N 86  
DG  "O4'" "C1'"  sing N N 87  
DG  "C3'" "O3'"  sing N N 88  
DG  "C3'" "C2'"  sing N N 89  
DG  "C3'" "H3'"  sing N N 90  
DG  "O3'" "HO3'" sing N N 91  
DG  "C2'" "C1'"  sing N N 92  
DG  "C2'" "H2'"  sing N N 93  
DG  "C2'" "H2''" sing N N 94  
DG  "C1'" N9     sing N N 95  
DG  "C1'" "H1'"  sing N N 96  
DG  N9    C8     sing Y N 97  
DG  N9    C4     sing Y N 98  
DG  C8    N7     doub Y N 99  
DG  C8    H8     sing N N 100 
DG  N7    C5     sing Y N 101 
DG  C5    C6     sing N N 102 
DG  C5    C4     doub Y N 103 
DG  C6    O6     doub N N 104 
DG  C6    N1     sing N N 105 
DG  N1    C2     sing N N 106 
DG  N1    H1     sing N N 107 
DG  C2    N2     sing N N 108 
DG  C2    N3     doub N N 109 
DG  N2    H21    sing N N 110 
DG  N2    H22    sing N N 111 
DG  N3    C4     sing N N 112 
DT  OP3   P      sing N N 113 
DT  OP3   HOP3   sing N N 114 
DT  P     OP1    doub N N 115 
DT  P     OP2    sing N N 116 
DT  P     "O5'"  sing N N 117 
DT  OP2   HOP2   sing N N 118 
DT  "O5'" "C5'"  sing N N 119 
DT  "C5'" "C4'"  sing N N 120 
DT  "C5'" "H5'"  sing N N 121 
DT  "C5'" "H5''" sing N N 122 
DT  "C4'" "O4'"  sing N N 123 
DT  "C4'" "C3'"  sing N N 124 
DT  "C4'" "H4'"  sing N N 125 
DT  "O4'" "C1'"  sing N N 126 
DT  "C3'" "O3'"  sing N N 127 
DT  "C3'" "C2'"  sing N N 128 
DT  "C3'" "H3'"  sing N N 129 
DT  "O3'" "HO3'" sing N N 130 
DT  "C2'" "C1'"  sing N N 131 
DT  "C2'" "H2'"  sing N N 132 
DT  "C2'" "H2''" sing N N 133 
DT  "C1'" N1     sing N N 134 
DT  "C1'" "H1'"  sing N N 135 
DT  N1    C2     sing N N 136 
DT  N1    C6     sing N N 137 
DT  C2    O2     doub N N 138 
DT  C2    N3     sing N N 139 
DT  N3    C4     sing N N 140 
DT  N3    H3     sing N N 141 
DT  C4    O4     doub N N 142 
DT  C4    C5     sing N N 143 
DT  C5    C7     sing N N 144 
DT  C5    C6     doub N N 145 
DT  C7    H71    sing N N 146 
DT  C7    H72    sing N N 147 
DT  C7    H73    sing N N 148 
DT  C6    H6     sing N N 149 
EQQ C33   C32    doub Y N 150 
EQQ C33   C34    sing Y N 151 
EQQ C32   C31    sing Y N 152 
EQQ N35   C34    doub Y N 153 
EQQ N35   C36    sing Y N 154 
EQQ C34   C38    sing Y N 155 
EQQ C36   C37    doub Y N 156 
EQQ C31   N29    doub Y N 157 
EQQ C31   C30    sing Y N 158 
EQQ N29   C28    sing Y N 159 
EQQ C38   C30    sing Y N 160 
EQQ C38   N39    doub Y N 161 
EQQ C30   N26    doub Y N 162 
EQQ C37   N39    sing Y N 163 
EQQ N39   RU     sing N N 164 
EQQ C28   C27    doub Y N 165 
EQQ C53   C52    doub Y N 166 
EQQ C53   N50    sing Y N 167 
EQQ C52   N51    sing Y N 168 
EQQ N26   C27    sing Y N 169 
EQQ N26   RU     sing N N 170 
EQQ N50   RU     sing N N 171 
EQQ N50   C49    doub Y N 172 
EQQ N51   C48    doub Y N 173 
EQQ RU    N22    sing N N 174 
EQQ RU    N17    sing N N 175 
EQQ RU    N40    sing N N 176 
EQQ C23   N22    doub Y N 177 
EQQ C23   C24    sing Y N 178 
EQQ N22   C19    sing Y N 179 
EQQ C49   C48    sing Y N 180 
EQQ C49   C45    sing Y N 181 
EQQ C48   C47    sing Y N 182 
EQQ C24   C25    doub Y N 183 
EQQ N17   C16    doub Y N 184 
EQQ N17   C18    sing Y N 185 
EQQ C16   C15    sing Y N 186 
EQQ C19   C18    doub Y N 187 
EQQ C19   C20    sing Y N 188 
EQQ C18   C13    sing Y N 189 
EQQ N40   C45    doub Y N 190 
EQQ N40   C41    sing Y N 191 
EQQ C25   C20    sing Y N 192 
EQQ C45   C44    sing Y N 193 
EQQ C47   C46    doub Y N 194 
EQQ C20   C11    doub Y N 195 
EQQ C15   C14    doub Y N 196 
EQQ C13   C14    sing Y N 197 
EQQ C13   C10    doub Y N 198 
EQQ C41   C42    doub Y N 199 
EQQ C11   C10    sing Y N 200 
EQQ C11   N12    sing Y N 201 
EQQ C44   C46    sing Y N 202 
EQQ C44   N43    doub Y N 203 
EQQ C10   N09    sing Y N 204 
EQQ N12   C08    doub Y N 205 
EQQ C42   N43    sing Y N 206 
EQQ N09   C07    doub Y N 207 
EQQ C08   C07    sing Y N 208 
EQQ C08   C05    sing Y N 209 
EQQ C07   C06    sing Y N 210 
EQQ C05   C04    doub Y N 211 
EQQ C06   C03    doub Y N 212 
EQQ C04   C03    sing Y N 213 
EQQ C04   C54    sing N N 214 
EQQ C03   C02    sing N N 215 
EQQ C54   N55    trip N N 216 
EQQ C02   N01    trip N N 217 
EQQ C05   H1     sing N N 218 
EQQ C06   H2     sing N N 219 
EQQ C14   H3     sing N N 220 
EQQ C15   H4     sing N N 221 
EQQ C16   H5     sing N N 222 
EQQ C23   H6     sing N N 223 
EQQ C24   H7     sing N N 224 
EQQ C25   H8     sing N N 225 
EQQ C27   H9     sing N N 226 
EQQ C28   H10    sing N N 227 
EQQ C32   H11    sing N N 228 
EQQ C33   H12    sing N N 229 
EQQ C36   H13    sing N N 230 
EQQ C37   H14    sing N N 231 
EQQ C41   H15    sing N N 232 
EQQ C42   H16    sing N N 233 
EQQ C46   H17    sing N N 234 
EQQ C47   H18    sing N N 235 
EQQ C52   H19    sing N N 236 
EQQ C53   H20    sing N N 237 
HOH O     H1     sing N N 238 
HOH O     H2     sing N N 239 
# 
loop_
_ndb_struct_conf_na.entry_id 
_ndb_struct_conf_na.feature 
6R6D 'double helix'        
6R6D 'b-form double helix' 
# 
loop_
_ndb_struct_na_base_pair.model_number 
_ndb_struct_na_base_pair.i_label_asym_id 
_ndb_struct_na_base_pair.i_label_comp_id 
_ndb_struct_na_base_pair.i_label_seq_id 
_ndb_struct_na_base_pair.i_symmetry 
_ndb_struct_na_base_pair.j_label_asym_id 
_ndb_struct_na_base_pair.j_label_comp_id 
_ndb_struct_na_base_pair.j_label_seq_id 
_ndb_struct_na_base_pair.j_symmetry 
_ndb_struct_na_base_pair.shear 
_ndb_struct_na_base_pair.stretch 
_ndb_struct_na_base_pair.stagger 
_ndb_struct_na_base_pair.buckle 
_ndb_struct_na_base_pair.propeller 
_ndb_struct_na_base_pair.opening 
_ndb_struct_na_base_pair.pair_number 
_ndb_struct_na_base_pair.pair_name 
_ndb_struct_na_base_pair.i_auth_asym_id 
_ndb_struct_na_base_pair.i_auth_seq_id 
_ndb_struct_na_base_pair.i_PDB_ins_code 
_ndb_struct_na_base_pair.j_auth_asym_id 
_ndb_struct_na_base_pair.j_auth_seq_id 
_ndb_struct_na_base_pair.j_PDB_ins_code 
_ndb_struct_na_base_pair.hbond_type_28 
_ndb_struct_na_base_pair.hbond_type_12 
1 A DT 1  1_555 A DA 10 7_555 0.182  -0.150 -0.180 -14.618 21.098 9.069 1  A_DT1:DA10_A A 1  ? A 10 ? 20 1 
1 A DC 2  1_555 A DG 9  7_555 0.059  -0.078 -0.169 -4.807  4.431  1.447 2  A_DC2:DG9_A  A 2  ? A 9  ? 19 1 
1 A DG 3  1_555 A DC 8  7_555 -0.274 -0.033 0.358  26.204  -4.897 0.896 3  A_DG3:DC8_A  A 3  ? A 8  ? 19 1 
1 A DG 4  1_555 A DC 7  7_555 -0.203 -0.150 -0.040 -9.456  6.355  0.230 4  A_DG4:DC7_A  A 4  ? A 7  ? 19 1 
1 A DC 5  1_555 A DG 6  7_555 0.317  -0.117 0.055  8.319   -2.748 1.005 5  A_DC5:DG6_A  A 5  ? A 6  ? 19 1 
1 A DG 6  1_555 A DC 5  7_555 -0.317 -0.117 0.055  -8.319  -2.748 1.005 6  A_DG6:DC5_A  A 6  ? A 5  ? 19 1 
1 A DC 7  1_555 A DG 4  7_555 0.203  -0.150 -0.040 9.456   6.355  0.230 7  A_DC7:DG4_A  A 7  ? A 4  ? 19 1 
1 A DC 8  1_555 A DG 3  7_555 0.274  -0.033 0.358  -26.204 -4.897 0.896 8  A_DC8:DG3_A  A 8  ? A 3  ? 19 1 
1 A DG 9  1_555 A DC 2  7_555 -0.059 -0.078 -0.169 4.807   4.431  1.447 9  A_DG9:DC2_A  A 9  ? A 2  ? 19 1 
1 A DA 10 1_555 A DT 1  7_555 -0.182 -0.150 -0.180 14.618  21.098 9.069 10 A_DA10:DT1_A A 10 ? A 1  ? 20 1 
# 
loop_
_ndb_struct_na_base_pair_step.model_number 
_ndb_struct_na_base_pair_step.i_label_asym_id_1 
_ndb_struct_na_base_pair_step.i_label_comp_id_1 
_ndb_struct_na_base_pair_step.i_label_seq_id_1 
_ndb_struct_na_base_pair_step.i_symmetry_1 
_ndb_struct_na_base_pair_step.j_label_asym_id_1 
_ndb_struct_na_base_pair_step.j_label_comp_id_1 
_ndb_struct_na_base_pair_step.j_label_seq_id_1 
_ndb_struct_na_base_pair_step.j_symmetry_1 
_ndb_struct_na_base_pair_step.i_label_asym_id_2 
_ndb_struct_na_base_pair_step.i_label_comp_id_2 
_ndb_struct_na_base_pair_step.i_label_seq_id_2 
_ndb_struct_na_base_pair_step.i_symmetry_2 
_ndb_struct_na_base_pair_step.j_label_asym_id_2 
_ndb_struct_na_base_pair_step.j_label_comp_id_2 
_ndb_struct_na_base_pair_step.j_label_seq_id_2 
_ndb_struct_na_base_pair_step.j_symmetry_2 
_ndb_struct_na_base_pair_step.shift 
_ndb_struct_na_base_pair_step.slide 
_ndb_struct_na_base_pair_step.rise 
_ndb_struct_na_base_pair_step.tilt 
_ndb_struct_na_base_pair_step.roll 
_ndb_struct_na_base_pair_step.twist 
_ndb_struct_na_base_pair_step.x_displacement 
_ndb_struct_na_base_pair_step.y_displacement 
_ndb_struct_na_base_pair_step.helical_rise 
_ndb_struct_na_base_pair_step.inclination 
_ndb_struct_na_base_pair_step.tip 
_ndb_struct_na_base_pair_step.helical_twist 
_ndb_struct_na_base_pair_step.step_number 
_ndb_struct_na_base_pair_step.step_name 
_ndb_struct_na_base_pair_step.i_auth_asym_id_1 
_ndb_struct_na_base_pair_step.i_auth_seq_id_1 
_ndb_struct_na_base_pair_step.i_PDB_ins_code_1 
_ndb_struct_na_base_pair_step.j_auth_asym_id_1 
_ndb_struct_na_base_pair_step.j_auth_seq_id_1 
_ndb_struct_na_base_pair_step.j_PDB_ins_code_1 
_ndb_struct_na_base_pair_step.i_auth_asym_id_2 
_ndb_struct_na_base_pair_step.i_auth_seq_id_2 
_ndb_struct_na_base_pair_step.i_PDB_ins_code_2 
_ndb_struct_na_base_pair_step.j_auth_asym_id_2 
_ndb_struct_na_base_pair_step.j_auth_seq_id_2 
_ndb_struct_na_base_pair_step.j_PDB_ins_code_2 
1 A DT 1 1_555 A DA 10 7_555 A DC 2  1_555 A DG 9 7_555 -1.701 0.789 6.706 5.024  -18.921 21.614 9.571  5.511  4.210 -41.190 
-10.938 29.083 1 AA_DT1DC2:DG9DA10_AA A 1 ? A 10 ? A 2  ? A 9 ? 
1 A DC 2 1_555 A DG 9  7_555 A DG 3  1_555 A DC 8 7_555 0.062  1.591 2.688 -2.054 8.300   21.387 1.327  -0.814 3.062 21.301  5.271 
23.015 2 AA_DC2DG3:DC8DG9_AA  A 2 ? A 9  ? A 3  ? A 8 ? 
1 A DG 3 1_555 A DC 8  7_555 A DG 4  1_555 A DC 7 7_555 -0.181 0.729 5.256 -1.438 48.997  16.887 -5.397 0.025  2.462 72.118  2.116 
51.675 3 AA_DG3DG4:DC7DC8_AA  A 3 ? A 8  ? A 4  ? A 7 ? 
1 A DG 4 1_555 A DC 7  7_555 A DC 5  1_555 A DG 6 7_555 -0.704 0.426 3.025 -0.199 -1.401  38.819 0.799  1.036  3.012 -2.106  0.299 
38.844 4 AA_DG4DC5:DG6DC7_AA  A 4 ? A 7  ? A 5  ? A 6 ? 
1 A DC 5 1_555 A DG 6  7_555 A DG 6  1_555 A DC 5 7_555 0.000  1.216 4.508 0.000  36.731  17.458 -5.080 0.000  3.068 65.434  0.000 
40.539 5 AA_DC5DG6:DC5DG6_AA  A 5 ? A 6  ? A 6  ? A 5 ? 
1 A DG 6 1_555 A DC 5  7_555 A DC 7  1_555 A DG 4 7_555 0.704  0.426 3.025 0.199  -1.401  38.819 0.799  -1.036 3.012 -2.106  
-0.299  38.844 6 AA_DG6DC7:DG4DC5_AA  A 6 ? A 5  ? A 7  ? A 4 ? 
1 A DC 7 1_555 A DG 4  7_555 A DC 8  1_555 A DG 3 7_555 0.181  0.729 5.256 1.438  48.997  16.887 -5.397 -0.025 2.462 72.118  
-2.116  51.675 7 AA_DC7DC8:DG3DG4_AA  A 7 ? A 4  ? A 8  ? A 3 ? 
1 A DC 8 1_555 A DG 3  7_555 A DG 9  1_555 A DC 2 7_555 -0.062 1.591 2.688 2.054  8.300   21.387 1.327  0.814  3.062 21.301  
-5.271  23.015 8 AA_DC8DG9:DC2DG3_AA  A 8 ? A 3  ? A 9  ? A 2 ? 
1 A DG 9 1_555 A DC 2  7_555 A DA 10 1_555 A DT 1 7_555 1.701  0.789 6.706 -5.024 -18.921 21.614 9.571  -5.511 4.210 -41.190 
10.938  29.083 9 AA_DG9DA10:DT1DC2_AA A 9 ? A 2  ? A 10 ? A 1 ? 
# 
loop_
_pdbx_audit_support.funding_organization 
_pdbx_audit_support.country 
_pdbx_audit_support.grant_number 
_pdbx_audit_support.ordinal 
'Biotechnology and Biological Sciences Research Council' 'United Kingdom' BB/K019279/1 1 
'Biotechnology and Biological Sciences Research Council' 'United Kingdom' BB/M004635/1 2 
# 
_pdbx_entity_instance_feature.ordinal        1 
_pdbx_entity_instance_feature.comp_id        EQQ 
_pdbx_entity_instance_feature.asym_id        ? 
_pdbx_entity_instance_feature.seq_num        ? 
_pdbx_entity_instance_feature.auth_comp_id   EQQ 
_pdbx_entity_instance_feature.auth_asym_id   ? 
_pdbx_entity_instance_feature.auth_seq_num   ? 
_pdbx_entity_instance_feature.feature_type   'SUBJECT OF INVESTIGATION' 
_pdbx_entity_instance_feature.details        ? 
# 
_atom_sites.entry_id                    6R6D 
_atom_sites.fract_transf_matrix[1][1]   0.01689283 
_atom_sites.fract_transf_matrix[1][2]   0.01261711 
_atom_sites.fract_transf_matrix[1][3]   0.00372445 
_atom_sites.fract_transf_matrix[2][1]   0.00642091 
_atom_sites.fract_transf_matrix[2][2]   -0.00261713 
_atom_sites.fract_transf_matrix[2][3]   -0.02025718 
_atom_sites.fract_transf_matrix[3][1]   -0.01563101 
_atom_sites.fract_transf_matrix[3][2]   0.02327840 
_atom_sites.fract_transf_matrix[3][3]   -0.00796201 
_atom_sites.fract_transf_vector[1]      0.793665 
_atom_sites.fract_transf_vector[2]      0.731295 
_atom_sites.fract_transf_vector[3]      0.007404 
# 
loop_
_atom_type.symbol 
BA 
C  
H  
N  
NA 
O  
P  
RU 
# 
loop_
_atom_site.group_PDB 
_atom_site.id 
_atom_site.type_symbol 
_atom_site.label_atom_id 
_atom_site.label_alt_id 
_atom_site.label_comp_id 
_atom_site.label_asym_id 
_atom_site.label_entity_id 
_atom_site.label_seq_id 
_atom_site.pdbx_PDB_ins_code 
_atom_site.Cartn_x 
_atom_site.Cartn_y 
_atom_site.Cartn_z 
_atom_site.occupancy 
_atom_site.B_iso_or_equiv 
_atom_site.pdbx_formal_charge 
_atom_site.auth_seq_id 
_atom_site.auth_comp_id 
_atom_site.auth_asym_id 
_atom_site.auth_atom_id 
_atom_site.pdbx_PDB_model_num 
ATOM   1   O  "O5'" . DT  A 1 1  ? 1.967   14.981  -8.478  1.00 115.58 ? 1   DT  A "O5'" 1 
ATOM   2   C  "C5'" . DT  A 1 1  ? 0.994   15.213  -7.456  1.00 115.86 ? 1   DT  A "C5'" 1 
ATOM   3   C  "C4'" . DT  A 1 1  ? 1.514   14.777  -6.093  1.00 108.52 ? 1   DT  A "C4'" 1 
ATOM   4   O  "O4'" . DT  A 1 1  ? 0.866   15.552  -5.059  1.00 112.26 ? 1   DT  A "O4'" 1 
ATOM   5   C  "C3'" . DT  A 1 1  ? 1.257   13.323  -5.742  1.00 99.29  ? 1   DT  A "C3'" 1 
ATOM   6   O  "O3'" . DT  A 1 1  ? 2.288   12.814  -4.946  1.00 97.84  ? 1   DT  A "O3'" 1 
ATOM   7   C  "C2'" . DT  A 1 1  ? -0.044  13.378  -4.969  1.00 97.61  ? 1   DT  A "C2'" 1 
ATOM   8   C  "C1'" . DT  A 1 1  ? 0.049   14.721  -4.263  1.00 100.40 ? 1   DT  A "C1'" 1 
ATOM   9   N  N1    . DT  A 1 1  ? -1.264  15.359  -4.142  1.00 104.20 ? 1   DT  A N1    1 
ATOM   10  C  C2    . DT  A 1 1  ? -1.746  15.691  -2.902  1.00 84.99  ? 1   DT  A C2    1 
ATOM   11  O  O2    . DT  A 1 1  ? -1.126  15.510  -1.877  1.00 81.43  ? 1   DT  A O2    1 
ATOM   12  N  N3    . DT  A 1 1  ? -2.990  16.260  -2.908  1.00 98.29  ? 1   DT  A N3    1 
ATOM   13  C  C4    . DT  A 1 1  ? -3.782  16.522  -4.014  1.00 109.47 ? 1   DT  A C4    1 
ATOM   14  O  O4    . DT  A 1 1  ? -4.888  17.044  -3.920  1.00 109.60 ? 1   DT  A O4    1 
ATOM   15  C  C5    . DT  A 1 1  ? -3.214  16.142  -5.287  1.00 116.64 ? 1   DT  A C5    1 
ATOM   16  C  C7    . DT  A 1 1  ? -3.977  16.372  -6.557  1.00 116.95 ? 1   DT  A C7    1 
ATOM   17  C  C6    . DT  A 1 1  ? -2.001  15.580  -5.287  1.00 118.44 ? 1   DT  A C6    1 
ATOM   18  P  P     . DC  A 1 2  ? 2.680   11.266  -5.089  1.00 121.60 ? 2   DC  A P     1 
ATOM   19  O  OP1   . DC  A 1 2  ? 4.114   11.275  -5.462  1.00 126.70 ? 2   DC  A OP1   1 
ATOM   20  O  OP2   . DC  A 1 2  ? 1.684   10.574  -5.940  1.00 114.42 ? 2   DC  A OP2   1 
ATOM   21  O  "O5'" . DC  A 1 2  ? 2.507   10.667  -3.619  1.00 86.38  ? 2   DC  A "O5'" 1 
ATOM   22  C  "C5'" . DC  A 1 2  ? 3.643   10.528  -2.812  1.00 73.41  ? 2   DC  A "C5'" 1 
ATOM   23  C  "C4'" . DC  A 1 2  ? 3.334   9.737   -1.567  1.00 50.20  ? 2   DC  A "C4'" 1 
ATOM   24  O  "O4'" . DC  A 1 2  ? 2.139   10.224  -0.977  1.00 46.00  ? 2   DC  A "O4'" 1 
ATOM   25  C  "C3'" . DC  A 1 2  ? 3.072   8.273   -1.764  1.00 48.32  ? 2   DC  A "C3'" 1 
ATOM   26  O  "O3'" . DC  A 1 2  ? 4.316   7.600   -1.851  1.00 46.86  ? 2   DC  A "O3'" 1 
ATOM   27  C  "C2'" . DC  A 1 2  ? 2.301   7.917   -0.482  1.00 41.89  ? 2   DC  A "C2'" 1 
ATOM   28  C  "C1'" . DC  A 1 2  ? 1.660   9.263   -0.080  1.00 41.72  ? 2   DC  A "C1'" 1 
ATOM   29  N  N1    . DC  A 1 2  ? 0.216   9.290   -0.191  1.00 41.93  ? 2   DC  A N1    1 
ATOM   30  C  C2    . DC  A 1 2  ? -0.550  9.900   0.814   1.00 43.02  ? 2   DC  A C2    1 
ATOM   31  O  O2    . DC  A 1 2  ? 0.013   10.357  1.808   1.00 45.33  ? 2   DC  A O2    1 
ATOM   32  N  N3    . DC  A 1 2  ? -1.900  9.936   0.676   1.00 46.69  ? 2   DC  A N3    1 
ATOM   33  C  C4    . DC  A 1 2  ? -2.475  9.401   -0.404  1.00 52.99  ? 2   DC  A C4    1 
ATOM   34  N  N4    . DC  A 1 2  ? -3.808  9.463   -0.493  1.00 51.51  ? 2   DC  A N4    1 
ATOM   35  C  C5    . DC  A 1 2  ? -1.710  8.790   -1.441  1.00 47.63  ? 2   DC  A C5    1 
ATOM   36  C  C6    . DC  A 1 2  ? -0.383  8.765   -1.299  1.00 51.28  ? 2   DC  A C6    1 
ATOM   37  P  P     . DG  A 1 3  ? 4.405   6.006   -1.883  1.00 47.18  ? 3   DG  A P     1 
ATOM   38  O  OP1   . DG  A 1 3  ? 5.763   5.696   -2.364  1.00 50.74  ? 3   DG  A OP1   1 
ATOM   39  O  OP2   . DG  A 1 3  ? 3.213   5.418   -2.547  1.00 45.53  ? 3   DG  A OP2   1 
ATOM   40  O  "O5'" . DG  A 1 3  ? 4.357   5.612   -0.342  1.00 39.52  ? 3   DG  A "O5'" 1 
ATOM   41  C  "C5'" . DG  A 1 3  ? 5.347   6.118   0.519   1.00 43.78  ? 3   DG  A "C5'" 1 
ATOM   42  C  "C4'" . DG  A 1 3  ? 4.986   5.817   1.950   1.00 37.37  ? 3   DG  A "C4'" 1 
ATOM   43  O  "O4'" . DG  A 1 3  ? 3.837   6.619   2.337   1.00 44.19  ? 3   DG  A "O4'" 1 
ATOM   44  C  "C3'" . DG  A 1 3  ? 4.584   4.366   2.195   1.00 44.61  ? 3   DG  A "C3'" 1 
ATOM   45  O  "O3'" . DG  A 1 3  ? 5.729   3.606   2.575   1.00 46.40  ? 3   DG  A "O3'" 1 
ATOM   46  C  "C2'" . DG  A 1 3  ? 3.579   4.466   3.336   1.00 43.42  ? 3   DG  A "C2'" 1 
ATOM   47  C  "C1'" . DG  A 1 3  ? 2.926   5.839   3.104   1.00 49.74  ? 3   DG  A "C1'" 1 
ATOM   48  N  N9    . DG  A 1 3  ? 1.644   5.809   2.379   1.00 38.18  ? 3   DG  A N9    1 
ATOM   49  C  C8    . DG  A 1 3  ? 1.377   5.181   1.171   1.00 38.89  ? 3   DG  A C8    1 
ATOM   50  N  N7    . DG  A 1 3  ? 0.153   5.375   0.753   1.00 38.69  ? 3   DG  A N7    1 
ATOM   51  C  C5    . DG  A 1 3  ? -0.414  6.202   1.721   1.00 39.27  ? 3   DG  A C5    1 
ATOM   52  C  C6    . DG  A 1 3  ? -1.709  6.744   1.792   1.00 36.80  ? 3   DG  A C6    1 
ATOM   53  O  O6    . DG  A 1 3  ? -2.648  6.593   0.986   1.00 39.27  ? 3   DG  A O6    1 
ATOM   54  N  N1    . DG  A 1 3  ? -1.884  7.510   2.936   1.00 41.50  ? 3   DG  A N1    1 
ATOM   55  C  C2    . DG  A 1 3  ? -0.917  7.754   3.875   1.00 37.59  ? 3   DG  A C2    1 
ATOM   56  N  N2    . DG  A 1 3  ? -1.281  8.525   4.915   1.00 40.57  ? 3   DG  A N2    1 
ATOM   57  N  N3    . DG  A 1 3  ? 0.303   7.248   3.825   1.00 36.00  ? 3   DG  A N3    1 
ATOM   58  C  C4    . DG  A 1 3  ? 0.486   6.485   2.720   1.00 34.33  ? 3   DG  A C4    1 
ATOM   59  P  P     . DG  A 1 4  ? 5.892   2.092   2.096   1.00 50.65  ? 4   DG  A P     1 
ATOM   60  O  OP1   . DG  A 1 4  ? 7.235   1.674   2.530   1.00 60.43  ? 4   DG  A OP1   1 
ATOM   61  O  OP2   . DG  A 1 4  ? 5.463   1.992   0.688   1.00 53.52  ? 4   DG  A OP2   1 
ATOM   62  O  "O5'" . DG  A 1 4  ? 4.844   1.292   2.983   1.00 39.74  ? 4   DG  A "O5'" 1 
ATOM   63  C  "C5'" . DG  A 1 4  ? 5.051   1.182   4.349   1.00 53.59  ? 4   DG  A "C5'" 1 
ATOM   64  C  "C4'" . DG  A 1 4  ? 3.951   0.378   4.993   1.00 45.19  ? 4   DG  A "C4'" 1 
ATOM   65  O  "O4'" . DG  A 1 4  ? 2.671   1.002   4.733   1.00 41.58  ? 4   DG  A "O4'" 1 
ATOM   66  C  "C3'" . DG  A 1 4  ? 3.841   -1.069  4.528   1.00 39.61  ? 4   DG  A "C3'" 1 
ATOM   67  O  "O3'" . DG  A 1 4  ? 3.567   -1.882  5.666   1.00 50.30  ? 4   DG  A "O3'" 1 
ATOM   68  C  "C2'" . DG  A 1 4  ? 2.658   -1.029  3.550   1.00 41.36  ? 4   DG  A "C2'" 1 
ATOM   69  C  "C1'" . DG  A 1 4  ? 1.788   0.081   4.142   1.00 35.58  ? 4   DG  A "C1'" 1 
ATOM   70  N  N9    . DG  A 1 4  ? 0.999   0.814   3.153   1.00 37.25  ? 4   DG  A N9    1 
ATOM   71  C  C8    . DG  A 1 4  ? 1.436   1.356   1.971   1.00 40.76  ? 4   DG  A C8    1 
ATOM   72  N  N7    . DG  A 1 4  ? 0.496   1.983   1.309   1.00 34.98  ? 4   DG  A N7    1 
ATOM   73  C  C5    . DG  A 1 4  ? -0.620  1.854   2.099   1.00 34.12  ? 4   DG  A C5    1 
ATOM   74  C  C6    . DG  A 1 4  ? -1.940  2.313   1.887   1.00 36.40  ? 4   DG  A C6    1 
ATOM   75  O  O6    . DG  A 1 4  ? -2.383  2.977   0.930   1.00 41.42  ? 4   DG  A O6    1 
ATOM   76  N  N1    . DG  A 1 4  ? -2.785  1.953   2.946   1.00 39.19  ? 4   DG  A N1    1 
ATOM   77  C  C2    . DG  A 1 4  ? -2.387  1.235   4.056   1.00 42.70  ? 4   DG  A C2    1 
ATOM   78  N  N2    . DG  A 1 4  ? -3.321  0.992   4.976   1.00 34.07  ? 4   DG  A N2    1 
ATOM   79  N  N3    . DG  A 1 4  ? -1.153  0.802   4.254   1.00 44.94  ? 4   DG  A N3    1 
ATOM   80  C  C4    . DG  A 1 4  ? -0.331  1.138   3.240   1.00 35.89  ? 4   DG  A C4    1 
ATOM   81  P  P     . DC  A 1 5  ? 3.607   -3.483  5.596   1.00 50.77  ? 5   DC  A P     1 
ATOM   82  O  OP1   . DC  A 1 5  ? 4.572   -3.973  6.605   1.00 57.52  ? 5   DC  A OP1   1 
ATOM   83  O  OP2   . DC  A 1 5  ? 3.684   -3.897  4.178   1.00 47.15  ? 5   DC  A OP2   1 
ATOM   84  O  "O5'" . DC  A 1 5  ? 2.142   -3.912  6.011   1.00 47.26  ? 5   DC  A "O5'" 1 
ATOM   85  C  "C5'" . DC  A 1 5  ? 1.592   -3.486  7.234   1.00 55.52  ? 5   DC  A "C5'" 1 
ATOM   86  C  "C4'" . DC  A 1 5  ? 0.189   -4.016  7.350   1.00 53.67  ? 5   DC  A "C4'" 1 
ATOM   87  O  "O4'" . DC  A 1 5  ? -0.721  -3.068  6.774   1.00 48.89  ? 5   DC  A "O4'" 1 
ATOM   88  C  "C3'" . DC  A 1 5  ? -0.022  -5.317  6.606   1.00 44.33  ? 5   DC  A "C3'" 1 
ATOM   89  O  "O3'" . DC  A 1 5  ? 0.130   -6.370  7.527   1.00 54.72  ? 5   DC  A "O3'" 1 
ATOM   90  C  "C2'" . DC  A 1 5  ? -1.456  -5.224  6.087   1.00 46.43  ? 5   DC  A "C2'" 1 
ATOM   91  C  "C1'" . DC  A 1 5  ? -1.715  -3.718  6.020   1.00 42.01  ? 5   DC  A "C1'" 1 
ATOM   92  N  N1    . DC  A 1 5  ? -1.649  -3.155  4.684   1.00 39.59  ? 5   DC  A N1    1 
ATOM   93  C  C2    . DC  A 1 5  ? -2.721  -2.410  4.214   1.00 50.73  ? 5   DC  A C2    1 
ATOM   94  O  O2    . DC  A 1 5  ? -3.711  -2.286  4.921   1.00 46.13  ? 5   DC  A O2    1 
ATOM   95  N  N3    . DC  A 1 5  ? -2.654  -1.858  2.988   1.00 48.85  ? 5   DC  A N3    1 
ATOM   96  C  C4    . DC  A 1 5  ? -1.559  -2.005  2.256   1.00 38.91  ? 5   DC  A C4    1 
ATOM   97  N  N4    . DC  A 1 5  ? -1.539  -1.423  1.050   1.00 40.39  ? 5   DC  A N4    1 
ATOM   98  C  C5    . DC  A 1 5  ? -0.432  -2.745  2.729   1.00 39.19  ? 5   DC  A C5    1 
ATOM   99  C  C6    . DC  A 1 5  ? -0.523  -3.299  3.943   1.00 38.56  ? 5   DC  A C6    1 
ATOM   100 P  P     . DG  A 1 6  ? 0.513   -7.845  7.038   1.00 53.08  ? 6   DG  A P     1 
ATOM   101 O  OP1   . DG  A 1 6  ? 0.979   -8.581  8.234   1.00 51.39  ? 6   DG  A OP1   1 
ATOM   102 O  OP2   . DG  A 1 6  ? 1.412   -7.714  5.868   1.00 55.58  ? 6   DG  A OP2   1 
ATOM   103 O  "O5'" . DG  A 1 6  ? -0.858  -8.407  6.449   1.00 46.27  ? 6   DG  A "O5'" 1 
ATOM   104 C  "C5'" . DG  A 1 6  ? -1.993  -8.488  7.257   1.00 53.66  ? 6   DG  A "C5'" 1 
ATOM   105 C  "C4'" . DG  A 1 6  ? -3.126  -9.105  6.478   1.00 45.34  ? 6   DG  A "C4'" 1 
ATOM   106 O  "O4'" . DG  A 1 6  ? -3.487  -8.221  5.402   1.00 55.50  ? 6   DG  A "O4'" 1 
ATOM   107 C  "C3'" . DG  A 1 6  ? -2.805  -10.443 5.821   1.00 45.78  ? 6   DG  A "C3'" 1 
ATOM   108 O  "O3'" . DG  A 1 6  ? -3.937  -11.269 5.827   1.00 51.59  ? 6   DG  A "O3'" 1 
ATOM   109 C  "C2'" . DG  A 1 6  ? -2.411  -10.054 4.402   1.00 57.89  ? 6   DG  A "C2'" 1 
ATOM   110 C  "C1'" . DG  A 1 6  ? -3.299  -8.853  4.151   1.00 49.10  ? 6   DG  A "C1'" 1 
ATOM   111 N  N9    . DG  A 1 6  ? -2.705  -7.867  3.255   1.00 43.75  ? 6   DG  A N9    1 
ATOM   112 C  C8    . DG  A 1 6  ? -1.389  -7.467  3.216   1.00 41.00  ? 6   DG  A C8    1 
ATOM   113 N  N7    . DG  A 1 6  ? -1.156  -6.547  2.316   1.00 44.95  ? 6   DG  A N7    1 
ATOM   114 C  C5    . DG  A 1 6  ? -2.400  -6.311  1.734   1.00 38.04  ? 6   DG  A C5    1 
ATOM   115 C  C6    . DG  A 1 6  ? -2.770  -5.422  0.693   1.00 37.94  ? 6   DG  A C6    1 
ATOM   116 O  O6    . DG  A 1 6  ? -2.055  -4.633  0.060   1.00 39.86  ? 6   DG  A O6    1 
ATOM   117 N  N1    . DG  A 1 6  ? -4.126  -5.499  0.414   1.00 37.26  ? 6   DG  A N1    1 
ATOM   118 C  C2    . DG  A 1 6  ? -5.014  -6.333  1.046   1.00 50.34  ? 6   DG  A C2    1 
ATOM   119 N  N2    . DG  A 1 6  ? -6.283  -6.266  0.631   1.00 52.15  ? 6   DG  A N2    1 
ATOM   120 N  N3    . DG  A 1 6  ? -4.683  -7.182  2.009   1.00 48.38  ? 6   DG  A N3    1 
ATOM   121 C  C4    . DG  A 1 6  ? -3.360  -7.117  2.299   1.00 39.70  ? 6   DG  A C4    1 
ATOM   122 P  P     . DC  A 1 7  ? -3.791  -12.804 5.399   1.00 63.08  ? 7   DC  A P     1 
ATOM   123 O  OP1   . DC  A 1 7  ? -4.614  -13.618 6.311   1.00 69.81  ? 7   DC  A OP1   1 
ATOM   124 O  OP2   . DC  A 1 7  ? -2.365  -13.122 5.239   1.00 63.56  ? 7   DC  A OP2   1 
ATOM   125 O  "O5'" . DC  A 1 7  ? -4.403  -12.829 3.948   1.00 59.31  ? 7   DC  A "O5'" 1 
ATOM   126 C  "C5'" . DC  A 1 7  ? -5.728  -12.489 3.782   1.00 50.18  ? 7   DC  A "C5'" 1 
ATOM   127 C  "C4'" . DC  A 1 7  ? -6.044  -12.428 2.323   1.00 48.30  ? 7   DC  A "C4'" 1 
ATOM   128 O  "O4'" . DC  A 1 7  ? -5.621  -11.162 1.827   1.00 49.85  ? 7   DC  A "O4'" 1 
ATOM   129 C  "C3'" . DC  A 1 7  ? -5.296  -13.431 1.494   1.00 48.91  ? 7   DC  A "C3'" 1 
ATOM   130 O  "O3'" . DC  A 1 7  ? -6.037  -14.642 1.467   1.00 52.97  ? 7   DC  A "O3'" 1 
ATOM   131 C  "C2'" . DC  A 1 7  ? -5.262  -12.761 0.119   1.00 43.97  ? 7   DC  A "C2'" 1 
ATOM   132 C  "C1'" . DC  A 1 7  ? -5.356  -11.264 0.456   1.00 45.78  ? 7   DC  A "C1'" 1 
ATOM   133 N  N1    . DC  A 1 7  ? -4.119  -10.513 0.198   1.00 46.44  ? 7   DC  A N1    1 
ATOM   134 C  C2    . DC  A 1 7  ? -4.145  -9.396  -0.653  1.00 44.34  ? 7   DC  A C2    1 
ATOM   135 O  O2    . DC  A 1 7  ? -5.212  -9.078  -1.197  1.00 44.22  ? 7   DC  A O2    1 
ATOM   136 N  N3    . DC  A 1 7  ? -2.990  -8.711  -0.873  1.00 41.07  ? 7   DC  A N3    1 
ATOM   137 C  C4    . DC  A 1 7  ? -1.859  -9.093  -0.277  1.00 44.78  ? 7   DC  A C4    1 
ATOM   138 N  N4    . DC  A 1 7  ? -0.745  -8.390  -0.529  1.00 34.89  ? 7   DC  A N4    1 
ATOM   139 C  C5    . DC  A 1 7  ? -1.815  -10.217 0.603   1.00 37.56  ? 7   DC  A C5    1 
ATOM   140 C  C6    . DC  A 1 7  ? -2.958  -10.890 0.813   1.00 49.03  ? 7   DC  A C6    1 
ATOM   141 P  P     . DC  A 1 8  ? -5.287  -16.060 1.397   1.00 59.91  ? 8   DC  A P     1 
ATOM   142 O  OP1   . DC  A 1 8  ? -6.329  -17.076 1.651   1.00 66.93  ? 8   DC  A OP1   1 
ATOM   143 O  OP2   . DC  A 1 8  ? -4.037  -15.986 2.180   1.00 62.30  ? 8   DC  A OP2   1 
ATOM   144 O  "O5'" . DC  A 1 8  ? -4.851  -16.205 -0.118  1.00 50.31  ? 8   DC  A "O5'" 1 
ATOM   145 C  "C5'" . DC  A 1 8  ? -5.830  -16.352 -1.106  1.00 48.46  ? 8   DC  A "C5'" 1 
ATOM   146 C  "C4'" . DC  A 1 8  ? -5.180  -16.342 -2.460  1.00 40.68  ? 8   DC  A "C4'" 1 
ATOM   147 O  "O4'" . DC  A 1 8  ? -4.609  -15.043 -2.691  1.00 41.77  ? 8   DC  A "O4'" 1 
ATOM   148 C  "C3'" . DC  A 1 8  ? -4.024  -17.295 -2.585  1.00 42.06  ? 8   DC  A "C3'" 1 
ATOM   149 O  "O3'" . DC  A 1 8  ? -4.501  -18.537 -3.028  1.00 47.33  ? 8   DC  A "O3'" 1 
ATOM   150 C  "C2'" . DC  A 1 8  ? -3.121  -16.635 -3.639  1.00 43.21  ? 8   DC  A "C2'" 1 
ATOM   151 C  "C1'" . DC  A 1 8  ? -3.532  -15.156 -3.591  1.00 35.87  ? 8   DC  A "C1'" 1 
ATOM   152 N  N1    . DC  A 1 8  ? -2.451  -14.226 -3.118  1.00 41.84  ? 8   DC  A N1    1 
ATOM   153 C  C2    . DC  A 1 8  ? -1.837  -13.331 -4.017  1.00 44.40  ? 8   DC  A C2    1 
ATOM   154 O  O2    . DC  A 1 8  ? -2.170  -13.340 -5.207  1.00 44.30  ? 8   DC  A O2    1 
ATOM   155 N  N3    . DC  A 1 8  ? -0.883  -12.484 -3.551  1.00 41.34  ? 8   DC  A N3    1 
ATOM   156 C  C4    . DC  A 1 8  ? -0.543  -12.511 -2.256  1.00 42.53  ? 8   DC  A C4    1 
ATOM   157 N  N4    . DC  A 1 8  ? 0.397   -11.663 -1.835  1.00 39.84  ? 8   DC  A N4    1 
ATOM   158 C  C5    . DC  A 1 8  ? -1.149  -13.407 -1.339  1.00 36.04  ? 8   DC  A C5    1 
ATOM   159 C  C6    . DC  A 1 8  ? -2.098  -14.229 -1.803  1.00 46.14  ? 8   DC  A C6    1 
ATOM   160 P  P     . DG  A 1 9  ? -3.581  -19.830 -2.865  1.00 53.35  ? 9   DG  A P     1 
ATOM   161 O  OP1   . DG  A 1 9  ? -4.427  -21.042 -2.873  1.00 53.05  ? 9   DG  A OP1   1 
ATOM   162 O  OP2   . DG  A 1 9  ? -2.666  -19.502 -1.758  1.00 52.25  ? 9   DG  A OP2   1 
ATOM   163 O  "O5'" . DG  A 1 9  ? -2.701  -19.854 -4.172  1.00 47.46  ? 9   DG  A "O5'" 1 
ATOM   164 C  "C5'" . DG  A 1 9  ? -3.216  -20.357 -5.348  1.00 45.07  ? 9   DG  A "C5'" 1 
ATOM   165 C  "C4'" . DG  A 1 9  ? -2.279  -20.012 -6.454  1.00 44.74  ? 9   DG  A "C4'" 1 
ATOM   166 O  "O4'" . DG  A 1 9  ? -1.997  -18.621 -6.320  1.00 42.89  ? 9   DG  A "O4'" 1 
ATOM   167 C  "C3'" . DG  A 1 9  ? -0.938  -20.730 -6.357  1.00 50.18  ? 9   DG  A "C3'" 1 
ATOM   168 O  "O3'" . DG  A 1 9  ? -0.906  -21.826 -7.249  1.00 65.06  ? 9   DG  A "O3'" 1 
ATOM   169 C  "C2'" . DG  A 1 9  ? 0.092   -19.685 -6.749  1.00 52.53  ? 9   DG  A "C2'" 1 
ATOM   170 C  "C1'" . DG  A 1 9  ? -0.634  -18.362 -6.551  1.00 43.69  ? 9   DG  A "C1'" 1 
ATOM   171 N  N9    . DG  A 1 9  ? -0.114  -17.561 -5.452  1.00 45.48  ? 9   DG  A N9    1 
ATOM   172 C  C8    . DG  A 1 9  ? -0.075  -17.880 -4.115  1.00 42.05  ? 9   DG  A C8    1 
ATOM   173 N  N7    . DG  A 1 9  ? 0.449   -16.934 -3.376  1.00 40.96  ? 9   DG  A N7    1 
ATOM   174 C  C5    . DG  A 1 9  ? 0.759   -15.926 -4.293  1.00 41.45  ? 9   DG  A C5    1 
ATOM   175 C  C6    . DG  A 1 9  ? 1.367   -14.650 -4.104  1.00 40.16  ? 9   DG  A C6    1 
ATOM   176 O  O6    . DG  A 1 9  ? 1.758   -14.125 -3.051  1.00 42.55  ? 9   DG  A O6    1 
ATOM   177 N  N1    . DG  A 1 9  ? 1.505   -13.966 -5.315  1.00 42.24  ? 9   DG  A N1    1 
ATOM   178 C  C2    . DG  A 1 9  ? 1.119   -14.454 -6.547  1.00 50.03  ? 9   DG  A C2    1 
ATOM   179 N  N2    . DG  A 1 9  ? 1.328   -13.656 -7.605  1.00 43.31  ? 9   DG  A N2    1 
ATOM   180 N  N3    . DG  A 1 9  ? 0.564   -15.635 -6.731  1.00 47.56  ? 9   DG  A N3    1 
ATOM   181 C  C4    . DG  A 1 9  ? 0.419   -16.313 -5.569  1.00 49.34  ? 9   DG  A C4    1 
ATOM   182 P  P     . DA  A 1 10 ? 0.255   -22.933 -7.116  1.00 81.16  ? 10  DA  A P     1 
ATOM   183 O  OP1   . DA  A 1 10 ? -0.266  -24.149 -7.778  1.00 96.65  ? 10  DA  A OP1   1 
ATOM   184 O  OP2   . DA  A 1 10 ? 0.715   -22.998 -5.707  1.00 65.88  ? 10  DA  A OP2   1 
ATOM   185 O  "O5'" . DA  A 1 10 ? 1.470   -22.336 -7.968  1.00 66.98  ? 10  DA  A "O5'" 1 
ATOM   186 C  "C5'" . DA  A 1 10 ? 1.495   -22.480 -9.392  1.00 77.83  ? 10  DA  A "C5'" 1 
ATOM   187 C  "C4'" . DA  A 1 10 ? 2.714   -21.782 -9.978  1.00 70.47  ? 10  DA  A "C4'" 1 
ATOM   188 O  "O4'" . DA  A 1 10 ? 3.217   -20.853 -9.008  1.00 64.29  ? 10  DA  A "O4'" 1 
ATOM   189 C  "C3'" . DA  A 1 10 ? 3.879   -22.703 -10.320 1.00 76.15  ? 10  DA  A "C3'" 1 
ATOM   190 O  "O3'" . DA  A 1 10 ? 3.939   -22.940 -11.751 1.00 69.39  ? 10  DA  A "O3'" 1 
ATOM   191 C  "C2'" . DA  A 1 10 ? 5.130   -21.964 -9.812  1.00 65.57  ? 10  DA  A "C2'" 1 
ATOM   192 C  "C1'" . DA  A 1 10 ? 4.595   -20.698 -9.154  1.00 63.36  ? 10  DA  A "C1'" 1 
ATOM   193 N  N9    . DA  A 1 10 ? 5.139   -20.476 -7.829  1.00 67.91  ? 10  DA  A N9    1 
ATOM   194 C  C8    . DA  A 1 10 ? 5.059   -21.321 -6.764  1.00 77.67  ? 10  DA  A C8    1 
ATOM   195 N  N7    . DA  A 1 10 ? 5.635   -20.864 -5.679  1.00 79.40  ? 10  DA  A N7    1 
ATOM   196 C  C5    . DA  A 1 10 ? 6.120   -19.629 -6.058  1.00 71.90  ? 10  DA  A C5    1 
ATOM   197 C  C6    . DA  A 1 10 ? 6.835   -18.641 -5.359  1.00 70.72  ? 10  DA  A C6    1 
ATOM   198 N  N6    . DA  A 1 10 ? 7.190   -18.763 -4.080  1.00 74.70  ? 10  DA  A N6    1 
ATOM   199 N  N1    . DA  A 1 10 ? 7.167   -17.517 -6.026  1.00 66.25  ? 10  DA  A N1    1 
ATOM   200 C  C2    . DA  A 1 10 ? 6.806   -17.405 -7.310  1.00 67.49  ? 10  DA  A C2    1 
ATOM   201 N  N3    . DA  A 1 10 ? 6.135   -18.268 -8.074  1.00 65.15  ? 10  DA  A N3    1 
ATOM   202 C  C4    . DA  A 1 10 ? 5.818   -19.369 -7.380  1.00 68.38  ? 10  DA  A C4    1 
HETATM 203 BA BA    . BA  B 2 .  ? -0.648  3.416   -1.214  1.00 40.22  ? 101 BA  A BA    1 
HETATM 204 N  N01   . EQQ C 3 .  ? -10.104 15.575  3.183   1.00 73.89  ? 102 EQQ A N01   1 
HETATM 205 C  C02   . EQQ C 3 .  ? -9.083  15.272  2.757   1.00 65.97  ? 102 EQQ A C02   1 
HETATM 206 C  C03   . EQQ C 3 .  ? -7.814  14.895  2.227   1.00 70.25  ? 102 EQQ A C03   1 
HETATM 207 C  C04   . EQQ C 3 .  ? -7.783  14.149  0.950   1.00 59.17  ? 102 EQQ A C04   1 
HETATM 208 C  C05   . EQQ C 3 .  ? -6.624  13.769  0.419   1.00 62.94  ? 102 EQQ A C05   1 
HETATM 209 C  C06   . EQQ C 3 .  ? -6.684  15.218  2.872   1.00 57.40  ? 102 EQQ A C06   1 
HETATM 210 C  C07   . EQQ C 3 .  ? -5.400  14.821  2.320   1.00 49.97  ? 102 EQQ A C07   1 
HETATM 211 C  C08   . EQQ C 3 .  ? -5.374  14.108  1.109   1.00 46.40  ? 102 EQQ A C08   1 
HETATM 212 C  C10   . EQQ C 3 .  ? -3.052  14.741  2.422   1.00 42.34  ? 102 EQQ A C10   1 
HETATM 213 C  C11   . EQQ C 3 .  ? -3.045  14.015  1.186   1.00 40.16  ? 102 EQQ A C11   1 
HETATM 214 C  C13   . EQQ C 3 .  ? -1.842  15.049  3.060   1.00 45.50  ? 102 EQQ A C13   1 
HETATM 215 C  C14   . EQQ C 3 .  ? -1.753  15.730  4.227   1.00 53.43  ? 102 EQQ A C14   1 
HETATM 216 C  C15   . EQQ C 3 .  ? -0.424  16.035  4.857   1.00 44.62  ? 102 EQQ A C15   1 
HETATM 217 C  C16   . EQQ C 3 .  ? 0.700   15.626  4.271   1.00 56.93  ? 102 EQQ A C16   1 
HETATM 218 C  C18   . EQQ C 3 .  ? -0.672  14.637  2.464   1.00 41.80  ? 102 EQQ A C18   1 
HETATM 219 C  C19   . EQQ C 3 .  ? -0.676  13.932  1.254   1.00 43.65  ? 102 EQQ A C19   1 
HETATM 220 C  C20   . EQQ C 3 .  ? -1.850  13.612  0.600   1.00 47.88  ? 102 EQQ A C20   1 
HETATM 221 C  C23   . EQQ C 3 .  ? 0.672   12.838  -0.485  1.00 48.37  ? 102 EQQ A C23   1 
HETATM 222 C  C24   . EQQ C 3 .  ? -0.457  12.516  -1.135  1.00 44.79  ? 102 EQQ A C24   1 
HETATM 223 C  C25   . EQQ C 3 .  ? -1.785  12.922  -0.564  1.00 42.39  ? 102 EQQ A C25   1 
HETATM 224 C  C27   . EQQ C 3 .  ? 4.059   14.220  -0.436  1.00 44.88  ? 102 EQQ A C27   1 
HETATM 225 C  C28   . EQQ C 3 .  ? 5.052   13.556  -1.044  1.00 48.94  ? 102 EQQ A C28   1 
HETATM 226 C  C30   . EQQ C 3 .  ? 3.906   12.399  1.175   1.00 36.90  ? 102 EQQ A C30   1 
HETATM 227 C  C31   . EQQ C 3 .  ? 4.976   11.741  0.492   1.00 41.34  ? 102 EQQ A C31   1 
HETATM 228 C  C32   . EQQ C 3 .  ? 5.395   10.440  1.042   1.00 43.57  ? 102 EQQ A C32   1 
HETATM 229 C  C33   . EQQ C 3 .  ? 4.795   9.915   2.144   1.00 40.95  ? 102 EQQ A C33   1 
HETATM 230 C  C34   . EQQ C 3 .  ? 3.692   10.621  2.832   1.00 43.94  ? 102 EQQ A C34   1 
HETATM 231 C  C36   . EQQ C 3 .  ? 2.013   10.904  4.508   1.00 45.51  ? 102 EQQ A C36   1 
HETATM 232 C  C37   . EQQ C 3 .  ? 1.623   12.094  4.013   1.00 38.78  ? 102 EQQ A C37   1 
HETATM 233 C  C38   . EQQ C 3 .  ? 3.316   11.885  2.268   1.00 45.19  ? 102 EQQ A C38   1 
HETATM 234 C  C41   . EQQ C 3 .  ? 1.086   16.313  -0.214  1.00 41.62  ? 102 EQQ A C41   1 
HETATM 235 C  C42   . EQQ C 3 .  ? 1.167   17.553  -0.728  1.00 47.82  ? 102 EQQ A C42   1 
HETATM 236 C  C44   . EQQ C 3 .  ? 2.846   18.223  0.812   1.00 37.00  ? 102 EQQ A C44   1 
HETATM 237 C  C45   . EQQ C 3 .  ? 2.790   16.912  1.395   1.00 39.01  ? 102 EQQ A C45   1 
HETATM 238 C  C46   . EQQ C 3 .  ? 3.804   19.162  1.408   1.00 40.13  ? 102 EQQ A C46   1 
HETATM 239 C  C47   . EQQ C 3 .  ? 4.577   18.779  2.464   1.00 35.78  ? 102 EQQ A C47   1 
HETATM 240 C  C48   . EQQ C 3 .  ? 4.491   17.417  3.051   1.00 44.20  ? 102 EQQ A C48   1 
HETATM 241 C  C49   . EQQ C 3 .  ? 3.544   16.530  2.435   1.00 39.46  ? 102 EQQ A C49   1 
HETATM 242 C  C52   . EQQ C 3 .  ? 5.069   15.664  4.567   1.00 47.24  ? 102 EQQ A C52   1 
HETATM 243 C  C53   . EQQ C 3 .  ? 4.189   14.799  4.019   1.00 41.33  ? 102 EQQ A C53   1 
HETATM 244 C  C54   . EQQ C 3 .  ? -9.016  13.830  0.302   1.00 56.31  ? 102 EQQ A C54   1 
HETATM 245 N  N09   . EQQ C 3 .  ? -4.244  15.126  2.956   1.00 50.85  ? 102 EQQ A N09   1 
HETATM 246 N  N12   . EQQ C 3 .  ? -4.212  13.720  0.572   1.00 44.69  ? 102 EQQ A N12   1 
HETATM 247 N  N17   . EQQ C 3 .  ? 0.558   14.913  3.068   1.00 42.40  ? 102 EQQ A N17   1 
HETATM 248 N  N22   . EQQ C 3 .  ? 0.545   13.535  0.732   1.00 43.08  ? 102 EQQ A N22   1 
HETATM 249 N  N26   . EQQ C 3 .  ? 3.476   13.613  0.683   1.00 39.90  ? 102 EQQ A N26   1 
HETATM 250 N  N29   . EQQ C 3 .  ? 5.506   12.286  -0.549  1.00 39.49  ? 102 EQQ A N29   1 
HETATM 251 N  N35   . EQQ C 3 .  ? 3.084   10.163  3.890   1.00 37.22  ? 102 EQQ A N35   1 
HETATM 252 N  N39   . EQQ C 3 .  ? 2.269   12.566  2.860   1.00 40.45  ? 102 EQQ A N39   1 
HETATM 253 N  N40   . EQQ C 3 .  ? 1.915   15.995  0.862   1.00 38.90  ? 102 EQQ A N40   1 
HETATM 254 N  N43   . EQQ C 3 .  ? 2.079   18.524  -0.191  1.00 39.85  ? 102 EQQ A N43   1 
HETATM 255 N  N50   . EQQ C 3 .  ? 3.434   15.249  2.925   1.00 36.26  ? 102 EQQ A N50   1 
HETATM 256 N  N51   . EQQ C 3 .  ? 5.198   17.003  4.058   1.00 42.33  ? 102 EQQ A N51   1 
HETATM 257 N  N55   . EQQ C 3 .  ? -9.992  13.579  -0.214  1.00 62.58  ? 102 EQQ A N55   1 
HETATM 258 RU RU    . EQQ C 3 .  ? 2.016   14.278  1.873   1.00 38.43  ? 102 EQQ A RU    1 
HETATM 259 H  H1    . EQQ C 3 .  ? -6.606  13.294  -0.379  1.00 75.36  ? 102 EQQ A H1    1 
HETATM 260 H  H2    . EQQ C 3 .  ? -6.722  15.693  3.670   1.00 68.71  ? 102 EQQ A H2    1 
HETATM 261 H  H3    . EQQ C 3 .  ? -2.531  16.015  4.647   1.00 63.94  ? 102 EQQ A H3    1 
HETATM 262 H  H4    . EQQ C 3 .  ? -0.386  16.509  5.655   1.00 53.37  ? 102 EQQ A H4    1 
HETATM 263 H  H5    . EQQ C 3 .  ? 1.510   16.028  4.482   1.00 68.14  ? 102 EQQ A H5    1 
HETATM 264 H  H6    . EQQ C 3 .  ? 1.480   12.852  -0.943  1.00 57.88  ? 102 EQQ A H6    1 
HETATM 265 H  H7    . EQQ C 3 .  ? -0.416  12.046  -1.935  1.00 53.57  ? 102 EQQ A H7    1 
HETATM 266 H  H8    . EQQ C 3 .  ? -2.567  12.697  -1.012  1.00 50.69  ? 102 EQQ A H8    1 
HETATM 267 H  H9    . EQQ C 3 .  ? 3.976   15.137  -0.559  1.00 53.69  ? 102 EQQ A H9    1 
HETATM 268 H  H10   . EQQ C 3 .  ? 5.454   13.923  -1.796  1.00 58.56  ? 102 EQQ A H10   1 
HETATM 269 H  H11   . EQQ C 3 .  ? 6.081   9.971   0.629   1.00 52.12  ? 102 EQQ A H11   1 
HETATM 270 H  H12   . EQQ C 3 .  ? 5.084   9.095   2.471   1.00 48.97  ? 102 EQQ A H12   1 
HETATM 271 H  H13   . EQQ C 3 .  ? 1.587   10.557  5.258   1.00 54.44  ? 102 EQQ A H13   1 
HETATM 272 H  H14   . EQQ C 3 .  ? 0.785   12.427  4.235   1.00 46.37  ? 102 EQQ A H14   1 
HETATM 273 H  H15   . EQQ C 3 .  ? 0.734   15.628  -0.735  1.00 49.77  ? 102 EQQ A H15   1 
HETATM 274 H  H16   . EQQ C 3 .  ? 0.624   17.786  -1.445  1.00 57.21  ? 102 EQQ A H16   1 
HETATM 275 H  H17   . EQQ C 3 .  ? 3.885   20.021  1.064   1.00 47.99  ? 102 EQQ A H17   1 
HETATM 276 H  H18   . EQQ C 3 .  ? 5.177   19.389  2.828   1.00 42.76  ? 102 EQQ A H18   1 
HETATM 277 H  H19   . EQQ C 3 .  ? 5.597   15.390  5.280   1.00 56.52  ? 102 EQQ A H19   1 
HETATM 278 H  H20   . EQQ C 3 .  ? 3.894   14.069  4.511   1.00 49.43  ? 102 EQQ A H20   1 
HETATM 279 NA NA    . NA  D 4 .  ? 1.632   -1.413  -0.097  1.00 36.26  ? 103 NA  A NA    1 
HETATM 280 O  O     . HOH E 5 .  ? -2.689  5.224   -1.175  1.00 37.12  ? 201 HOH A O     1 
HETATM 281 O  O     . HOH E 5 .  ? 0.621   5.364   -2.643  1.00 38.33  ? 202 HOH A O     1 
HETATM 282 O  O     . HOH E 5 .  ? 2.116   3.307   -1.361  1.00 41.17  ? 203 HOH A O     1 
HETATM 283 O  O     . HOH E 5 .  ? -0.555  -0.107  6.762   1.00 35.17  ? 204 HOH A O     1 
HETATM 284 O  O     . HOH E 5 .  ? 2.057   -15.121 -0.463  1.00 50.64  ? 205 HOH A O     1 
HETATM 285 O  O     . HOH E 5 .  ? -1.543  -15.930 0.752   1.00 122.97 ? 206 HOH A O     1 
HETATM 286 O  O     . HOH E 5 .  ? 1.441   -11.949 0.853   1.00 55.69  ? 207 HOH A O     1 
HETATM 287 O  O     . HOH E 5 .  ? 0.832   -4.688  -0.675  1.00 39.00  ? 208 HOH A O     1 
HETATM 288 O  O     . HOH E 5 .  ? 1.970   -8.934  0.676   1.00 59.94  ? 209 HOH A O     1 
HETATM 289 O  O     . HOH E 5 .  ? -0.103  0.776   -1.395  1.00 57.16  ? 210 HOH A O     1 
HETATM 290 O  O     . HOH E 5 .  ? 1.694   -6.123  1.341   1.00 44.43  ? 211 HOH A O     1 
HETATM 291 O  O     . HOH E 5 .  ? -1.266  -22.698 -10.306 1.00 59.40  ? 212 HOH A O     1 
HETATM 292 O  O     . HOH E 5 .  ? -0.363  -27.244 -8.456  1.00 71.05  ? 213 HOH A O     1 
HETATM 293 O  O     . HOH E 5 .  ? 3.178   -19.917 -12.429 1.00 47.60  ? 214 HOH A O     1 
HETATM 294 O  O     . HOH E 5 .  ? -4.837  7.142   -3.228  1.00 54.77  ? 215 HOH A O     1 
HETATM 295 O  O     . HOH E 5 .  ? 1.773   -4.410  10.811  1.00 36.03  ? 216 HOH A O     1 
HETATM 296 O  O     . HOH E 5 .  ? 6.898   -2.838  0.098   1.00 47.15  ? 217 HOH A O     1 
HETATM 297 O  O     . HOH E 5 .  ? -1.107  3.070   -4.074  1.00 46.51  ? 218 HOH A O     1 
# 
loop_
_atom_site_anisotrop.id 
_atom_site_anisotrop.type_symbol 
_atom_site_anisotrop.pdbx_label_atom_id 
_atom_site_anisotrop.pdbx_label_alt_id 
_atom_site_anisotrop.pdbx_label_comp_id 
_atom_site_anisotrop.pdbx_label_asym_id 
_atom_site_anisotrop.pdbx_label_seq_id 
_atom_site_anisotrop.pdbx_PDB_ins_code 
_atom_site_anisotrop.U[1][1] 
_atom_site_anisotrop.U[2][2] 
_atom_site_anisotrop.U[3][3] 
_atom_site_anisotrop.U[1][2] 
_atom_site_anisotrop.U[1][3] 
_atom_site_anisotrop.U[2][3] 
_atom_site_anisotrop.pdbx_auth_seq_id 
_atom_site_anisotrop.pdbx_auth_comp_id 
_atom_site_anisotrop.pdbx_auth_asym_id 
_atom_site_anisotrop.pdbx_auth_atom_id 
1   O  "O5'" . DT  A 1  ? 2.1928 0.9557 1.2428 -0.1811 0.1747  0.1176  1   DT  A "O5'" 
2   C  "C5'" . DT  A 1  ? 2.1528 0.9544 1.2950 -0.1261 0.1201  0.1268  1   DT  A "C5'" 
3   C  "C4'" . DT  A 1  ? 1.9676 0.8954 1.2601 -0.1393 0.1555  0.0961  1   DT  A "C4'" 
4   O  "O4'" . DT  A 1  ? 1.9898 0.9223 1.3533 -0.1023 0.1244  0.0920  1   DT  A "O4'" 
5   C  "C3'" . DT  A 1  ? 1.7821 0.8287 1.1617 -0.1209 0.1382  0.0924  1   DT  A "C3'" 
6   O  "O3'" . DT  A 1  ? 1.6780 0.8643 1.1749 -0.1526 0.1892  0.0510  1   DT  A "O3'" 
7   C  "C2'" . DT  A 1  ? 1.7119 0.8195 1.1773 -0.0524 0.0668  0.0967  1   DT  A "C2'" 
8   C  "C1'" . DT  A 1  ? 1.7584 0.8160 1.2403 -0.0544 0.0786  0.0851  1   DT  A "C1'" 
9   N  N1    . DT  A 1  ? 1.8245 0.8296 1.3051 0.0065  0.0066  0.0974  1   DT  A N1    
10  C  C2    . DT  A 1  ? 1.5042 0.6087 1.1164 0.0348  -0.0101 0.0695  1   DT  A C2    
11  O  O2    . DT  A 1  ? 1.3843 0.6091 1.1006 0.0124  0.0301  0.0399  1   DT  A O2    
12  N  N3    . DT  A 1  ? 1.6877 0.7432 1.3038 0.0922  -0.0791 0.0722  1   DT  A N3    
13  C  C4    . DT  A 1  ? 1.8893 0.8558 1.4142 0.1245  -0.1341 0.0958  1   DT  A C4    
14  O  O4    . DT  A 1  ? 1.8757 0.8492 1.4395 0.1736  -0.1922 0.0840  1   DT  A O4    
15  C  C5    . DT  A 1  ? 2.0481 0.9423 1.4415 0.0916  -0.1138 0.1247  1   DT  A C5    
16  C  C7    . DT  A 1  ? 2.1162 0.9265 1.4010 0.1204  -0.1691 0.1437  1   DT  A C7    
17  C  C6    . DT  A 1  ? 2.0714 0.9818 1.4470 0.0343  -0.0444 0.1250  1   DT  A C6    
18  P  P     . DC  A 2  ? 1.9174 1.2284 1.4746 -0.1585 0.1965  0.0368  2   DC  A P     
19  O  OP1   . DC  A 2  ? 1.9887 1.2945 1.5307 -0.2250 0.2719  0.0019  2   DC  A OP1   
20  O  OP2   . DC  A 2  ? 1.8587 1.1349 1.3537 -0.1253 0.1449  0.0718  2   DC  A OP2   
21  O  "O5'" . DC  A 2  ? 1.3608 0.8423 1.0792 -0.1235 0.1746  0.0124  2   DC  A "O5'" 
22  C  "C5'" . DC  A 2  ? 1.1340 0.7126 0.9427 -0.1491 0.2159  -0.0323 2   DC  A "C5'" 
23  C  "C4'" . DC  A 2  ? 0.7557 0.4720 0.6795 -0.1106 0.1838  -0.0451 2   DC  A "C4'" 
24  O  "O4'" . DC  A 2  ? 0.7005 0.4085 0.6388 -0.0720 0.1424  -0.0259 2   DC  A "O4'" 
25  C  "C3'" . DC  A 2  ? 0.7041 0.4841 0.6478 -0.0914 0.1597  -0.0356 2   DC  A "C3'" 
26  O  "O3'" . DC  A 2  ? 0.6543 0.4918 0.6343 -0.1182 0.1925  -0.0709 2   DC  A "O3'" 
27  C  "C2'" . DC  A 2  ? 0.5697 0.4331 0.5889 -0.0513 0.1233  -0.0354 2   DC  A "C2'" 
28  C  "C1'" . DC  A 2  ? 0.5862 0.3998 0.5994 -0.0417 0.1144  -0.0303 2   DC  A "C1'" 
29  N  N1    . DC  A 2  ? 0.6008 0.3899 0.6025 -0.0065 0.0705  -0.0065 2   DC  A N1    
30  C  C2    . DC  A 2  ? 0.5867 0.4051 0.6428 0.0161  0.0517  -0.0176 2   DC  A C2    
31  O  O2    . DC  A 2  ? 0.5845 0.4481 0.6897 0.0061  0.0721  -0.0421 2   DC  A O2    
32  N  N3    . DC  A 2  ? 0.6362 0.4408 0.6971 0.0485  0.0111  -0.0088 2   DC  A N3    
33  C  C4    . DC  A 2  ? 0.7467 0.5092 0.7575 0.0615  -0.0146 0.0118  2   DC  A C4    
34  N  N4    . DC  A 2  ? 0.7214 0.4825 0.7533 0.0965  -0.0584 0.0080  2   DC  A N4    
35  C  C5    . DC  A 2  ? 0.7135 0.4394 0.6568 0.0385  0.0034  0.0292  2   DC  A C5    
36  C  C6    . DC  A 2  ? 0.7552 0.4955 0.6978 0.0034  0.0478  0.0185  2   DC  A C6    
37  P  P     . DG  A 3  ? 0.6197 0.5346 0.6386 -0.1009 0.1736  -0.0741 3   DG  A P     
38  O  OP1   . DG  A 3  ? 0.6492 0.5898 0.6888 -0.1374 0.2144  -0.1177 3   DG  A OP1   
39  O  OP2   . DG  A 3  ? 0.6277 0.5061 0.5963 -0.0787 0.1402  -0.0323 3   DG  A OP2   
40  O  "O5'" . DG  A 3  ? 0.4632 0.4721 0.5661 -0.0674 0.1470  -0.0890 3   DG  A "O5'" 
41  C  "C5'" . DG  A 3  ? 0.4808 0.5400 0.6426 -0.0762 0.1644  -0.1326 3   DG  A "C5'" 
42  C  "C4'" . DG  A 3  ? 0.3636 0.4851 0.5710 -0.0406 0.1310  -0.1344 3   DG  A "C4'" 
43  O  "O4'" . DG  A 3  ? 0.4681 0.5553 0.6558 -0.0296 0.1191  -0.1070 3   DG  A "O4'" 
44  C  "C3'" . DG  A 3  ? 0.4451 0.5975 0.6523 -0.0123 0.0984  -0.1172 3   DG  A "C3'" 
45  O  "O3'" . DG  A 3  ? 0.4339 0.6437 0.6855 -0.0042 0.0919  -0.1556 3   DG  A "O3'" 
46  C  "C2'" . DG  A 3  ? 0.4268 0.5896 0.6334 0.0110  0.0749  -0.0991 3   DG  A "C2'" 
47  C  "C1'" . DG  A 3  ? 0.5263 0.6438 0.7198 -0.0006 0.0876  -0.0884 3   DG  A "C1'" 
48  N  N9    . DG  A 3  ? 0.4088 0.4772 0.5646 0.0067  0.0741  -0.0538 3   DG  A N9    
49  C  C8    . DG  A 3  ? 0.4431 0.4754 0.5591 0.0037  0.0703  -0.0329 3   DG  A C8    
50  N  N7    . DG  A 3  ? 0.4600 0.4565 0.5537 0.0169  0.0505  -0.0117 3   DG  A N7    
51  C  C5    . DG  A 3  ? 0.4520 0.4620 0.5781 0.0275  0.0438  -0.0210 3   DG  A C5    
52  C  C6    . DG  A 3  ? 0.4230 0.4161 0.5590 0.0460  0.0212  -0.0178 3   DG  A C6    
53  O  O6    . DG  A 3  ? 0.4712 0.4330 0.5878 0.0608  -0.0028 -0.0061 3   DG  A O6    
54  N  N1    . DG  A 3  ? 0.4581 0.4805 0.6380 0.0490  0.0250  -0.0379 3   DG  A N1    
55  C  C2    . DG  A 3  ? 0.3888 0.4483 0.5915 0.0364  0.0458  -0.0562 3   DG  A C2    
56  N  N2    . DG  A 3  ? 0.4046 0.4900 0.6470 0.0400  0.0471  -0.0768 3   DG  A N2    
57  N  N3    . DG  A 3  ? 0.3652 0.4427 0.5601 0.0234  0.0614  -0.0617 3   DG  A N3    
58  C  C4    . DG  A 3  ? 0.3644 0.4160 0.5239 0.0192  0.0604  -0.0443 3   DG  A C4    
59  P  P     . DG  A 4  ? 0.4852 0.7059 0.7334 0.0096  0.0742  -0.1511 4   DG  A P     
60  O  OP1   . DG  A 4  ? 0.5694 0.8492 0.8774 0.0204  0.0648  -0.2059 4   DG  A OP1   
61  O  OP2   . DG  A 4  ? 0.5510 0.7240 0.7586 -0.0133 0.0939  -0.1272 4   DG  A OP2   
62  O  "O5'" . DG  A 4  ? 0.3603 0.5724 0.5774 0.0405  0.0401  -0.1150 4   DG  A "O5'" 
63  C  "C5'" . DG  A 4  ? 0.5252 0.7620 0.7490 0.0639  0.0162  -0.1275 4   DG  A "C5'" 
64  C  "C4'" . DG  A 4  ? 0.4459 0.6527 0.6186 0.0794  -0.0023 -0.0911 4   DG  A "C4'" 
65  O  "O4'" . DG  A 4  ? 0.4133 0.5964 0.5700 0.0640  0.0144  -0.0640 4   DG  A "O4'" 
66  C  "C3'" . DG  A 4  ? 0.3908 0.5753 0.5390 0.0901  -0.0157 -0.0754 4   DG  A "C3'" 
67  O  "O3'" . DG  A 4  ? 0.5512 0.7095 0.6504 0.1106  -0.0397 -0.0636 4   DG  A "O3'" 
68  C  "C2'" . DG  A 4  ? 0.4270 0.5855 0.5591 0.0709  0.0039  -0.0447 4   DG  A "C2'" 
69  C  "C1'" . DG  A 4  ? 0.3554 0.5118 0.4849 0.0633  0.0132  -0.0374 4   DG  A "C1'" 
70  N  N9    . DG  A 4  ? 0.3810 0.5203 0.5142 0.0492  0.0263  -0.0248 4   DG  A N9    
71  C  C8    . DG  A 4  ? 0.4301 0.5536 0.5648 0.0357  0.0380  -0.0269 4   DG  A C8    
72  N  N7    . DG  A 4  ? 0.3729 0.4646 0.4916 0.0318  0.0380  -0.0113 4   DG  A N7    
73  C  C5    . DG  A 4  ? 0.3553 0.4584 0.4826 0.0427  0.0277  -0.0063 4   DG  A C5    
74  C  C6    . DG  A 4  ? 0.3866 0.4771 0.5193 0.0486  0.0181  -0.0019 4   DG  A C6    
75  O  O6    . DG  A 4  ? 0.4666 0.5213 0.5859 0.0520  0.0079  0.0045  4   DG  A O6    
76  N  N1    . DG  A 4  ? 0.4064 0.5243 0.5583 0.0512  0.0190  -0.0112 4   DG  A N1    
77  C  C2    . DG  A 4  ? 0.4492 0.5836 0.5897 0.0478  0.0272  -0.0146 4   DG  A C2    
78  N  N2    . DG  A 4  ? 0.3353 0.4808 0.4785 0.0416  0.0358  -0.0246 4   DG  A N2    
79  N  N3    . DG  A 4  ? 0.4828 0.6182 0.6066 0.0504  0.0258  -0.0132 4   DG  A N3    
80  C  C4    . DG  A 4  ? 0.3685 0.4968 0.4981 0.0483  0.0261  -0.0130 4   DG  A C4    
81  P  P     . DC  A 5  ? 0.5842 0.7019 0.6431 0.1286  -0.0610 -0.0503 5   DC  A P     
82  O  OP1   . DC  A 5  ? 0.6805 0.7879 0.7172 0.1631  -0.1018 -0.0705 5   DC  A OP1   
83  O  OP2   . DC  A 5  ? 0.5237 0.6514 0.6165 0.1171  -0.0473 -0.0504 5   DC  A OP2   
84  O  "O5'" . DC  A 5  ? 0.5772 0.6451 0.5732 0.1138  -0.0452 -0.0147 5   DC  A "O5'" 
85  C  "C5'" . DC  A 5  ? 0.7026 0.7526 0.6543 0.1089  -0.0413 -0.0096 5   DC  A "C5'" 
86  C  "C4'" . DC  A 5  ? 0.7068 0.7170 0.6153 0.0852  -0.0151 0.0121  5   DC  A "C4'" 
87  O  "O4'" . DC  A 5  ? 0.6143 0.6650 0.5780 0.0643  0.0100  0.0080  5   DC  A "O4'" 
88  C  "C3'" . DC  A 5  ? 0.6067 0.5808 0.4970 0.0848  -0.0140 0.0267  5   DC  A "C3'" 
89  O  "O3'" . DC  A 5  ? 0.7941 0.6915 0.5934 0.0947  -0.0278 0.0388  5   DC  A "O3'" 
90  C  "C2'" . DC  A 5  ? 0.6228 0.6072 0.5342 0.0550  0.0203  0.0306  5   DC  A "C2'" 
91  C  "C1'" . DC  A 5  ? 0.5294 0.5690 0.4979 0.0493  0.0271  0.0168  5   DC  A "C1'" 
92  N  N1    . DC  A 5  ? 0.4671 0.5425 0.4947 0.0511  0.0247  0.0140  5   DC  A N1    
93  C  C2    . DC  A 5  ? 0.5889 0.6854 0.6531 0.0408  0.0350  0.0075  5   DC  A C2    
94  O  O2    . DC  A 5  ? 0.5297 0.6289 0.5942 0.0283  0.0497  -0.0027 5   DC  A O2    
95  N  N3    . DC  A 5  ? 0.5516 0.6596 0.6451 0.0446  0.0276  0.0087  5   DC  A N3    
96  C  C4    . DC  A 5  ? 0.4277 0.5323 0.5182 0.0495  0.0209  0.0130  5   DC  A C4    
97  N  N4    . DC  A 5  ? 0.4453 0.5454 0.5437 0.0466  0.0190  0.0152  5   DC  A N4    
98  C  C5    . DC  A 5  ? 0.4375 0.5384 0.5130 0.0579  0.0144  0.0105  5   DC  A C5    
99  C  C6    . DC  A 5  ? 0.4462 0.5298 0.4889 0.0630  0.0111  0.0126  5   DC  A C6    
100 P  P     . DG  A 6  ? 0.8024 0.6446 0.5700 0.1105  -0.0449 0.0495  6   DG  A P     
101 O  OP1   . DG  A 6  ? 0.8477 0.5984 0.5067 0.1326  -0.0746 0.0598  6   DG  A OP1   
102 O  OP2   . DG  A 6  ? 0.7836 0.6889 0.6395 0.1271  -0.0609 0.0316  6   DG  A OP2   
103 O  "O5'" . DG  A 6  ? 0.7219 0.5480 0.4879 0.0743  -0.0020 0.0607  6   DG  A "O5'" 
104 C  "C5'" . DG  A 6  ? 0.8493 0.6328 0.5569 0.0417  0.0331  0.0658  6   DG  A "C5'" 
105 C  "C4'" . DG  A 6  ? 0.7343 0.5204 0.4679 0.0112  0.0698  0.0621  6   DG  A "C4'" 
106 O  "O4'" . DG  A 6  ? 0.7968 0.6764 0.6356 0.0095  0.0730  0.0462  6   DG  A "O4'" 
107 C  "C3'" . DG  A 6  ? 0.7622 0.5006 0.4765 0.0206  0.0613  0.0725  6   DG  A "C3'" 
108 O  "O3'" . DG  A 6  ? 0.8608 0.5551 0.5443 -0.0164 0.1041  0.0697  6   DG  A "O3'" 
109 C  "C2'" . DG  A 6  ? 0.8522 0.6773 0.6700 0.0355  0.0461  0.0616  6   DG  A "C2'" 
110 C  "C1'" . DG  A 6  ? 0.6968 0.5928 0.5759 0.0171  0.0653  0.0468  6   DG  A "C1'" 
111 N  N9    . DG  A 6  ? 0.5840 0.5472 0.5311 0.0337  0.0453  0.0406  6   DG  A N9    
112 C  C8    . DG  A 6  ? 0.5408 0.5185 0.4986 0.0572  0.0190  0.0400  6   DG  A C8    
113 N  N7    . DG  A 6  ? 0.5567 0.5841 0.5671 0.0577  0.0165  0.0318  6   DG  A N7    
114 C  C5    . DG  A 6  ? 0.4569 0.5003 0.4883 0.0413  0.0322  0.0300  6   DG  A C5    
115 C  C6    . DG  A 6  ? 0.4333 0.5079 0.5004 0.0390  0.0296  0.0248  6   DG  A C6    
116 O  O6    . DG  A 6  ? 0.4506 0.5359 0.5281 0.0432  0.0218  0.0244  6   DG  A O6    
117 N  N1    . DG  A 6  ? 0.4151 0.5003 0.5003 0.0298  0.0373  0.0155  6   DG  A N1    
118 C  C2    . DG  A 6  ? 0.5867 0.6610 0.6648 0.0152  0.0569  0.0068  6   DG  A C2    
119 N  N2    . DG  A 6  ? 0.5876 0.6892 0.7045 0.0068  0.0632  -0.0160 6   DG  A N2    
120 N  N3    . DG  A 6  ? 0.5919 0.6240 0.6225 0.0087  0.0691  0.0157  6   DG  A N3    
121 C  C4    . DG  A 6  ? 0.4957 0.5113 0.5013 0.0266  0.0505  0.0299  6   DG  A C4    
122 P  P     . DC  A 7  ? 1.0460 0.6638 0.6870 -0.0152 0.1053  0.0805  7   DC  A P     
123 O  OP1   . DC  A 7  ? 1.2029 0.7128 0.7369 -0.0542 0.1483  0.0861  7   DC  A OP1   
124 O  OP2   . DC  A 7  ? 1.0607 0.6602 0.6940 0.0326  0.0516  0.0921  7   DC  A OP2   
125 O  "O5'" . DC  A 7  ? 0.9326 0.6381 0.6830 -0.0268 0.1206  0.0594  7   DC  A "O5'" 
126 C  "C5'" . DC  A 7  ? 0.7863 0.5384 0.5820 -0.0625 0.1604  0.0340  7   DC  A "C5'" 
127 C  "C4'" . DC  A 7  ? 0.7024 0.5371 0.5956 -0.0581 0.1545  0.0150  7   DC  A "C4'" 
128 O  "O4'" . DC  A 7  ? 0.6780 0.5875 0.6286 -0.0339 0.1239  0.0146  7   DC  A "O4'" 
129 C  "C3'" . DC  A 7  ? 0.7173 0.5302 0.6110 -0.0411 0.1371  0.0249  7   DC  A "C3'" 
130 O  "O3'" . DC  A 7  ? 0.7938 0.5552 0.6635 -0.0703 0.1730  0.0147  7   DC  A "O3'" 
131 C  "C2'" . DC  A 7  ? 0.5939 0.5013 0.5754 -0.0281 0.1178  0.0108  7   DC  A "C2'" 
132 C  "C1'" . DC  A 7  ? 0.5941 0.5484 0.5972 -0.0208 0.1062  0.0097  7   DC  A "C1'" 
133 N  N1    . DC  A 7  ? 0.5931 0.5675 0.6037 0.0064  0.0739  0.0231  7   DC  A N1    
134 C  C2    . DC  A 7  ? 0.5332 0.5635 0.5879 0.0132  0.0603  0.0167  7   DC  A C2    
135 O  O2    . DC  A 7  ? 0.5102 0.5725 0.5977 0.0048  0.0649  0.0007  7   DC  A O2    
136 N  N3    . DC  A 7  ? 0.4873 0.5289 0.5443 0.0286  0.0415  0.0236  7   DC  A N3    
137 C  C4    . DC  A 7  ? 0.5495 0.5666 0.5852 0.0421  0.0308  0.0291  7   DC  A C4    
138 N  N4    . DC  A 7  ? 0.4105 0.4508 0.4642 0.0528  0.0175  0.0232  7   DC  A N4    
139 C  C5    . DC  A 7  ? 0.4920 0.4522 0.4827 0.0453  0.0324  0.0367  7   DC  A C5    
140 C  C6    . DC  A 7  ? 0.6534 0.5856 0.6238 0.0246  0.0569  0.0372  7   DC  A C6    
141 P  P     . DC  A 8  ? 0.9307 0.6014 0.7441 -0.0591 0.1647  0.0319  8   DC  A P     
142 O  OP1   . DC  A 8  ? 1.0538 0.6600 0.8293 -0.1025 0.2167  0.0184  8   DC  A OP1   
143 O  OP2   . DC  A 8  ? 1.0029 0.6138 0.7505 -0.0227 0.1238  0.0596  8   DC  A OP2   
144 O  "O5'" . DC  A 8  ? 0.7541 0.5022 0.6553 -0.0405 0.1426  0.0185  8   DC  A "O5'" 
145 C  "C5'" . DC  A 8  ? 0.6872 0.4984 0.6557 -0.0631 0.1657  -0.0107 8   DC  A "C5'" 
146 C  "C4'" . DC  A 8  ? 0.5476 0.4217 0.5762 -0.0426 0.1386  -0.0185 8   DC  A "C4'" 
147 O  "O4'" . DC  A 8  ? 0.5352 0.4658 0.5862 -0.0220 0.1097  -0.0112 8   DC  A "O4'" 
148 C  "C3'" . DC  A 8  ? 0.5890 0.4123 0.5969 -0.0217 0.1200  -0.0082 8   DC  A "C3'" 
149 O  "O3'" . DC  A 8  ? 0.6637 0.4570 0.6776 -0.0400 0.1441  -0.0231 8   DC  A "O3'" 
150 C  "C2'" . DC  A 8  ? 0.5597 0.4595 0.6226 -0.0016 0.0913  -0.0162 8   DC  A "C2'" 
151 C  "C1'" . DC  A 8  ? 0.4443 0.3989 0.5198 -0.0039 0.0872  -0.0130 8   DC  A "C1'" 
152 N  N1    . DC  A 8  ? 0.5215 0.4818 0.5863 0.0181  0.0623  -0.0002 8   DC  A N1    
153 C  C2    . DC  A 8  ? 0.5247 0.5407 0.6214 0.0227  0.0500  -0.0080 8   DC  A C2    
154 O  O2    . DC  A 8  ? 0.5039 0.5552 0.6242 0.0113  0.0553  -0.0208 8   DC  A O2    
155 N  N3    . DC  A 8  ? 0.4847 0.5077 0.5784 0.0369  0.0346  -0.0042 8   DC  A N3    
156 C  C4    . DC  A 8  ? 0.5233 0.5069 0.5858 0.0521  0.0237  0.0070  8   DC  A C4    
157 N  N4    . DC  A 8  ? 0.4812 0.4820 0.5506 0.0666  0.0075  0.0030  8   DC  A N4    
158 C  C5    . DC  A 8  ? 0.4789 0.3968 0.4934 0.0502  0.0312  0.0200  8   DC  A C5    
159 C  C6    . DC  A 8  ? 0.6103 0.5161 0.6267 0.0300  0.0543  0.0160  8   DC  A C6    
160 P  P     . DG  A 9  ? 0.7816 0.4865 0.7588 -0.0216 0.1308  -0.0149 9   DG  A P     
161 O  OP1   . DG  A 9  ? 0.8058 0.4480 0.7618 -0.0523 0.1705  -0.0257 9   DG  A OP1   
162 O  OP2   . DG  A 9  ? 0.8090 0.4532 0.7232 0.0090  0.0981  0.0111  9   DG  A OP2   
163 O  "O5'" . DG  A 9  ? 0.6557 0.4380 0.7095 -0.0027 0.1063  -0.0354 9   DG  A "O5'" 
164 C  "C5'" . DG  A 9  ? 0.5902 0.4233 0.6990 -0.0223 0.1255  -0.0623 9   DG  A "C5'" 
165 C  "C4'" . DG  A 9  ? 0.5425 0.4502 0.7070 -0.0081 0.1033  -0.0798 9   DG  A "C4'" 
166 O  "O4'" . DG  A 9  ? 0.5053 0.4576 0.6668 0.0000  0.0877  -0.0683 9   DG  A "O4'" 
167 C  "C3'" . DG  A 9  ? 0.6203 0.4923 0.7940 0.0208  0.0776  -0.0874 9   DG  A "C3'" 
168 O  "O3'" . DG  A 9  ? 0.7931 0.6711 1.0078 0.0129  0.0886  -0.1148 9   DG  A "O3'" 
169 C  "C2'" . DG  A 9  ? 0.6158 0.5567 0.8235 0.0344  0.0562  -0.0979 9   DG  A "C2'" 
170 C  "C1'" . DG  A 9  ? 0.5008 0.4744 0.6849 0.0206  0.0641  -0.0777 9   DG  A "C1'" 
171 N  N9    . DG  A 9  ? 0.5411 0.4929 0.6943 0.0404  0.0445  -0.0584 9   DG  A N9    
172 C  C8    . DG  A 9  ? 0.5420 0.4154 0.6405 0.0576  0.0324  -0.0369 9   DG  A C8    
173 N  N7    . DG  A 9  ? 0.5314 0.4107 0.6141 0.0735  0.0135  -0.0271 9   DG  A N7    
174 C  C5    . DG  A 9  ? 0.4935 0.4565 0.6249 0.0633  0.0178  -0.0427 9   DG  A C5    
175 C  C6    . DG  A 9  ? 0.4607 0.4629 0.6021 0.0684  0.0085  -0.0448 9   DG  A C6    
176 O  O6    . DG  A 9  ? 0.5045 0.4884 0.6238 0.0861  -0.0087 -0.0358 9   DG  A O6    
177 N  N1    . DG  A 9  ? 0.4570 0.5183 0.6298 0.0477  0.0232  -0.0608 9   DG  A N1    
178 C  C2    . DG  A 9  ? 0.5428 0.6260 0.7319 0.0279  0.0397  -0.0735 9   DG  A C2    
179 N  N2    . DG  A 9  ? 0.4438 0.5652 0.6367 0.0076  0.0517  -0.0853 9   DG  A N2    
180 N  N3    . DG  A 9  ? 0.5178 0.5790 0.7102 0.0257  0.0454  -0.0754 9   DG  A N3    
181 C  C4    . DG  A 9  ? 0.5697 0.5702 0.7350 0.0430  0.0358  -0.0598 9   DG  A C4    
182 P  P     . DA  A 10 ? 1.0096 0.8335 1.2407 0.0443  0.0625  -0.1315 10  DA  A P     
183 O  OP1   . DA  A 10 ? 1.2042 1.0098 1.4584 0.0257  0.0870  -0.1516 10  DA  A OP1   
184 O  OP2   . DA  A 10 ? 0.8711 0.5980 1.0342 0.0769  0.0323  -0.1038 10  DA  A OP2   
185 O  "O5'" . DA  A 10 ? 0.7747 0.6923 1.0778 0.0552  0.0444  -0.1661 10  DA  A "O5'" 
186 C  "C5'" . DA  A 10 ? 0.8661 0.8624 1.2285 0.0301  0.0653  -0.2020 10  DA  A "C5'" 
187 C  "C4'" . DA  A 10 ? 0.7318 0.8010 1.1445 0.0331  0.0562  -0.2359 10  DA  A "C4'" 
188 O  "O4'" . DA  A 10 ? 0.6656 0.7234 1.0538 0.0544  0.0337  -0.2173 10  DA  A "O4'" 
189 C  "C3'" . DA  A 10 ? 0.7751 0.8562 1.2618 0.0523  0.0412  -0.2875 10  DA  A "C3'" 
190 O  "O3'" . DA  A 10 ? 0.6501 0.8013 1.1851 0.0183  0.0710  -0.3286 10  DA  A "O3'" 
191 C  "C2'" . DA  A 10 ? 0.6220 0.7304 1.1391 0.0771  0.0145  -0.3093 10  DA  A "C2'" 
192 C  "C1'" . DA  A 10 ? 0.6191 0.7195 1.0688 0.0702  0.0171  -0.2617 10  DA  A "C1'" 
193 N  N9    . DA  A 10 ? 0.6985 0.7534 1.1284 0.1111  -0.0220 -0.2484 10  DA  A N9    
194 C  C8    . DA  A 10 ? 0.8678 0.8274 1.2558 0.1489  -0.0553 -0.2270 10  DA  A C8    
195 N  N7    . DA  A 10 ? 0.9070 0.8384 1.2715 0.1835  -0.0923 -0.2195 10  DA  A N7    
196 C  C5    . DA  A 10 ? 0.7679 0.7900 1.1739 0.1651  -0.0781 -0.2404 10  DA  A C5    
197 C  C6    . DA  A 10 ? 0.7414 0.7903 1.1555 0.1826  -0.0992 -0.2500 10  DA  A C6    
198 N  N6    . DA  A 10 ? 0.8246 0.8123 1.2015 0.2288  -0.1473 -0.2390 10  DA  A N6    
199 N  N1    . DA  A 10 ? 0.6442 0.7764 1.0965 0.1492  -0.0684 -0.2727 10  DA  A N1    
200 C  C2    . DA  A 10 ? 0.6407 0.8164 1.1071 0.1037  -0.0240 -0.2811 10  DA  A C2    
201 N  N3    . DA  A 10 ? 0.6176 0.7799 1.0778 0.0869  -0.0062 -0.2743 10  DA  A N3    
202 C  C4    . DA  A 10 ? 0.6902 0.7800 1.1280 0.1190  -0.0335 -0.2556 10  DA  A C4    
204 N  N01   . EQQ C .  ? 0.5332 1.1666 1.1076 0.0257  0.0051  0.2619  102 EQQ A N01   
205 C  C02   . EQQ C .  ? 0.4844 1.0211 1.0011 0.0120  -0.0141 0.2366  102 EQQ A C02   
206 C  C03   . EQQ C .  ? 0.5986 1.0232 1.0473 -0.0018 -0.0355 0.2055  102 EQQ A C03   
207 C  C04   . EQQ C .  ? 0.4680 0.8578 0.9222 -0.0330 -0.0857 0.1930  102 EQQ A C04   
208 C  C05   . EQQ C .  ? 0.5693 0.8613 0.9608 -0.0404 -0.1022 0.1639  102 EQQ A C05   
209 C  C06   . EQQ C .  ? 0.4820 0.8369 0.8623 0.0145  -0.0113 0.1886  102 EQQ A C06   
210 C  C07   . EQQ C .  ? 0.4380 0.6990 0.7617 0.0032  -0.0312 0.1582  102 EQQ A C07   
211 C  C08   . EQQ C .  ? 0.4003 0.6329 0.7299 -0.0207 -0.0729 0.1456  102 EQQ A C08   
212 C  C10   . EQQ C .  ? 0.4172 0.5511 0.6405 0.0088  -0.0277 0.1154  102 EQQ A C10   
213 C  C11   . EQQ C .  ? 0.3953 0.5052 0.6256 -0.0098 -0.0644 0.1018  102 EQQ A C11   
214 C  C13   . EQQ C .  ? 0.4895 0.5773 0.6622 0.0200  -0.0105 0.1010  102 EQQ A C13   
215 C  C14   . EQQ C .  ? 0.5963 0.6879 0.7458 0.0364  0.0199  0.1123  102 EQQ A C14   
216 C  C15   . EQQ C .  ? 0.5201 0.5601 0.6150 0.0427  0.0300  0.0975  102 EQQ A C15   
217 C  C16   . EQQ C .  ? 0.6926 0.6978 0.7725 0.0348  0.0125  0.0731  102 EQQ A C16   
218 C  C18   . EQQ C .  ? 0.4694 0.5060 0.6127 0.0150  -0.0263 0.0742  102 EQQ A C18   
219 C  C19   . EQQ C .  ? 0.4971 0.5141 0.6472 0.0026  -0.0561 0.0600  102 EQQ A C19   
220 C  C20   . EQQ C .  ? 0.5293 0.5737 0.7165 -0.0110 -0.0773 0.0732  102 EQQ A C20   
221 C  C23   . EQQ C .  ? 0.5982 0.5343 0.7054 -0.0013 -0.0923 0.0155  102 EQQ A C23   
222 C  C24   . EQQ C .  ? 0.5423 0.4871 0.6723 -0.0164 -0.1159 0.0274  102 EQQ A C24   
223 C  C25   . EQQ C .  ? 0.4747 0.4829 0.6529 -0.0236 -0.1096 0.0586  102 EQQ A C25   
224 C  C27   . EQQ C .  ? 0.5866 0.5031 0.6156 0.0332  -0.0453 -0.0392 102 EQQ A C27   
225 C  C28   . EQQ C .  ? 0.6467 0.5470 0.6658 0.0409  -0.0515 -0.0621 102 EQQ A C28   
226 C  C30   . EQQ C .  ? 0.4765 0.3811 0.5445 0.0261  -0.0663 -0.0152 102 EQQ A C30   
227 C  C31   . EQQ C .  ? 0.5455 0.4269 0.5984 0.0395  -0.0768 -0.0416 102 EQQ A C31   
228 C  C32   . EQQ C .  ? 0.5841 0.4338 0.6378 0.0456  -0.0973 -0.0418 102 EQQ A C32   
229 C  C33   . EQQ C .  ? 0.5511 0.3896 0.6152 0.0317  -0.1057 -0.0167 102 EQQ A C33   
230 C  C34   . EQQ C .  ? 0.5720 0.4423 0.6551 0.0131  -0.0898 0.0117  102 EQQ A C34   
231 C  C36   . EQQ C .  ? 0.5705 0.4768 0.6817 -0.0135 -0.0697 0.0642  102 EQQ A C36   
232 C  C37   . EQQ C .  ? 0.4710 0.4146 0.5880 -0.0047 -0.0511 0.0622  102 EQQ A C37   
233 C  C38   . EQQ C .  ? 0.5752 0.4807 0.6610 0.0155  -0.0700 0.0096  102 EQQ A C38   
234 C  C41   . EQQ C .  ? 0.5261 0.4899 0.5653 0.0374  -0.0310 0.0062  102 EQQ A C41   
235 C  C42   . EQQ C .  ? 0.6250 0.5739 0.6181 0.0484  -0.0205 -0.0037 102 EQQ A C42   
236 C  C44   . EQQ C .  ? 0.5070 0.4415 0.4572 0.0479  0.0101  -0.0070 102 EQQ A C44   
237 C  C45   . EQQ C .  ? 0.5102 0.4614 0.5106 0.0415  -0.0003 0.0022  102 EQQ A C45   
238 C  C46   . EQQ C .  ? 0.5699 0.4847 0.4702 0.0457  0.0261  -0.0115 102 EQQ A C46   
239 C  C47   . EQQ C .  ? 0.5100 0.4296 0.4198 0.0403  0.0291  -0.0070 102 EQQ A C47   
240 C  C48   . EQQ C .  ? 0.5930 0.5303 0.5561 0.0393  0.0180  0.0015  102 EQQ A C48   
241 C  C49   . EQQ C .  ? 0.5155 0.4648 0.5192 0.0388  0.0040  0.0059  102 EQQ A C49   
242 C  C52   . EQQ C .  ? 0.6176 0.5542 0.6231 0.0357  0.0023  0.0137  102 EQQ A C52   
243 C  C53   . EQQ C .  ? 0.5305 0.4720 0.5680 0.0324  -0.0101 0.0185  102 EQQ A C53   
244 C  C54   . EQQ C .  ? 0.3829 0.8473 0.9094 -0.0543 -0.1169 0.2136  102 EQQ A C54   
245 N  N09   . EQQ C .  ? 0.4880 0.6913 0.7527 0.0165  -0.0109 0.1428  102 EQQ A N09   
246 N  N12   . EQQ C .  ? 0.4228 0.5749 0.7004 -0.0251 -0.0873 0.1173  102 EQQ A N12   
247 N  N17   . EQQ C .  ? 0.5009 0.5055 0.6049 0.0235  -0.0130 0.0610  102 EQQ A N17   
248 N  N22   . EQQ C .  ? 0.5165 0.4866 0.6340 0.0051  -0.0654 0.0329  102 EQQ A N22   
249 N  N26   . EQQ C .  ? 0.5113 0.4355 0.5692 0.0269  -0.0509 -0.0153 102 EQQ A N26   
250 N  N29   . EQQ C .  ? 0.5274 0.4124 0.5608 0.0476  -0.0675 -0.0635 102 EQQ A N29   
251 N  N35   . EQQ C .  ? 0.4857 0.3509 0.5774 -0.0021 -0.0916 0.0374  102 EQQ A N35   
252 N  N39   . EQQ C .  ? 0.4996 0.4366 0.6006 0.0079  -0.0541 0.0344  102 EQQ A N39   
253 N  N40   . EQQ C .  ? 0.4922 0.4541 0.5319 0.0354  -0.0199 0.0086  102 EQQ A N40   
254 N  N43   . EQQ C .  ? 0.5466 0.4769 0.4906 0.0527  0.0012  -0.0103 102 EQQ A N43   
255 N  N50   . EQQ C .  ? 0.4622 0.4136 0.5018 0.0329  -0.0098 0.0146  102 EQQ A N50   
256 N  N51   . EQQ C .  ? 0.5687 0.5034 0.5362 0.0367  0.0165  0.0057  102 EQQ A N51   
257 N  N55   . EQQ C .  ? 0.4218 0.9481 1.0077 -0.0729 -0.1442 0.2306  102 EQQ A N55   
258 RU RU    . EQQ C .  ? 0.4729 0.4333 0.5540 0.0215  -0.0350 0.0229  102 EQQ A RU    
# 
